data_4GCQ
#
_entry.id   4GCQ
#
_cell.length_a   116.710
_cell.length_b   116.710
_cell.length_c   53.890
_cell.angle_alpha   90.00
_cell.angle_beta   90.00
_cell.angle_gamma   120.00
#
_symmetry.space_group_name_H-M   'P 3'
#
loop_
_entity.id
_entity.type
_entity.pdbx_description
1 polymer 'Outer membrane protein F'
2 non-polymer '(2S,5R,6R,7R)-6-{[(2R)-2-carboxy-2-phenylacetyl]amino}-7-hydroxy-3,3-dimethyl-4-thia-1-azabicyclo[3.2.0]heptane-2-carbo xylic acid'
3 water water
#
_entity_poly.entity_id   1
_entity_poly.type   'polypeptide(L)'
_entity_poly.pdbx_seq_one_letter_code
;GAEIYNKDGNKVDLYGKAVGLHYFSKGNGENSYGGNGDMTYARLGFKGETQINSDLTGYGQWEYNFQGNNSEGADAQTGN
KTRLAFAGLKYADVGSFDYGRNYGVVYDALGYTDMLPEFGGDTAYSDDFFVGRVGGVATYRNSNFFGLVDGLNFAVQYLG
KNERDTARRSNGDGVGGSISYEYEGFGIVGAYGAADRTNLQEAQPLGNGKKAEQWATGLKYDANNIYLAANYGETRNATP
ITNKFTNTSGFANKTQDVLLVAQYQFDFGLRPSIAYTKSKAKDVEGIGDVDLVNYFEVGATYYFNKNMSTYVDYIINQID
SDNKLGVGSDDTVAVGIVYQF
;
_entity_poly.pdbx_strand_id   A,B
#
# COMPACT_ATOMS: atom_id res chain seq x y z
N GLY A 9 11.12 -28.49 12.20
CA GLY A 9 10.87 -28.09 10.79
C GLY A 9 11.72 -26.90 10.32
N ASN A 10 13.04 -27.10 10.20
CA ASN A 10 13.96 -26.11 9.63
C ASN A 10 14.53 -26.55 8.26
N LYS A 11 14.41 -25.71 7.23
CA LYS A 11 15.16 -25.95 5.98
C LYS A 11 16.34 -24.93 5.75
N VAL A 12 17.56 -25.44 5.76
CA VAL A 12 18.73 -24.66 5.38
C VAL A 12 19.33 -25.18 4.10
N ASP A 13 19.49 -24.32 3.11
CA ASP A 13 20.30 -24.70 1.98
C ASP A 13 21.61 -23.90 2.01
N LEU A 14 22.72 -24.64 2.02
CA LEU A 14 24.03 -24.07 1.70
C LEU A 14 24.11 -24.05 0.18
N TYR A 15 24.57 -22.92 -0.38
CA TYR A 15 24.59 -22.72 -1.83
C TYR A 15 25.90 -21.99 -2.25
N GLY A 16 26.22 -22.00 -3.54
CA GLY A 16 27.50 -21.50 -3.99
C GLY A 16 27.68 -21.72 -5.47
N LYS A 17 28.71 -21.10 -6.00
CA LYS A 17 29.11 -21.26 -7.38
C LYS A 17 30.60 -20.88 -7.58
N ALA A 18 31.20 -21.47 -8.60
CA ALA A 18 32.55 -21.18 -8.96
C ALA A 18 32.44 -20.68 -10.35
N VAL A 19 33.00 -19.46 -10.55
CA VAL A 19 32.89 -18.81 -11.84
C VAL A 19 34.23 -18.44 -12.53
N GLY A 20 34.47 -19.17 -13.62
CA GLY A 20 35.63 -19.14 -14.48
C GLY A 20 35.33 -18.00 -15.43
N LEU A 21 36.03 -16.88 -15.26
CA LEU A 21 35.60 -15.72 -15.94
C LEU A 21 36.79 -14.90 -16.52
N HIS A 22 36.72 -14.56 -17.81
CA HIS A 22 37.78 -13.72 -18.43
C HIS A 22 37.21 -12.48 -19.13
N TYR A 23 37.78 -11.30 -18.90
CA TYR A 23 37.44 -10.09 -19.71
C TYR A 23 38.44 -9.82 -20.83
N PHE A 24 37.93 -9.52 -22.02
CA PHE A 24 38.77 -9.13 -23.14
C PHE A 24 38.51 -7.67 -23.46
N SER A 25 39.53 -6.85 -23.32
CA SER A 25 39.42 -5.48 -23.77
C SER A 25 40.68 -5.12 -24.53
N LYS A 26 40.55 -4.21 -25.49
CA LYS A 26 41.75 -3.78 -26.20
C LYS A 26 42.80 -3.33 -25.18
N GLY A 27 43.95 -4.00 -25.29
CA GLY A 27 45.16 -3.81 -24.51
C GLY A 27 45.01 -3.57 -23.03
N ASN A 28 44.86 -2.29 -22.71
CA ASN A 28 45.07 -1.76 -21.35
C ASN A 28 44.65 -2.62 -20.13
N GLY A 29 43.36 -2.81 -19.82
CA GLY A 29 42.18 -2.22 -20.50
C GLY A 29 41.55 -1.12 -19.62
N GLU A 30 42.38 -0.16 -19.22
CA GLU A 30 42.04 0.93 -18.30
C GLU A 30 41.13 2.02 -18.90
N ASN A 31 41.01 2.05 -20.21
CA ASN A 31 40.13 3.00 -20.87
C ASN A 31 38.94 2.26 -21.52
N SER A 32 38.57 1.08 -20.96
CA SER A 32 37.41 0.30 -21.42
C SER A 32 36.21 0.23 -20.46
N TYR A 33 35.16 -0.47 -20.90
CA TYR A 33 34.01 -0.65 -20.02
C TYR A 33 34.27 -1.57 -18.82
N GLY A 34 34.80 -2.76 -19.08
CA GLY A 34 34.83 -3.85 -18.09
C GLY A 34 36.19 -4.17 -17.53
N GLY A 35 37.24 -3.57 -18.12
CA GLY A 35 38.62 -3.90 -17.75
C GLY A 35 39.09 -5.05 -18.59
N ASN A 36 40.28 -5.57 -18.28
CA ASN A 36 40.88 -6.67 -19.07
C ASN A 36 41.51 -7.72 -18.15
N GLY A 37 41.35 -8.99 -18.45
CA GLY A 37 42.09 -9.97 -17.67
C GLY A 37 41.24 -10.98 -16.95
N ASP A 38 41.92 -11.80 -16.14
CA ASP A 38 41.29 -12.72 -15.19
C ASP A 38 40.33 -11.98 -14.22
N MET A 39 39.07 -12.46 -14.13
CA MET A 39 38.00 -11.92 -13.24
C MET A 39 37.17 -13.10 -12.54
N THR A 40 37.77 -14.31 -12.51
CA THR A 40 37.31 -15.48 -11.73
C THR A 40 37.02 -15.07 -10.26
N TYR A 41 35.97 -15.63 -9.74
CA TYR A 41 35.51 -15.39 -8.39
C TYR A 41 34.59 -16.62 -8.02
N ALA A 42 34.24 -16.74 -6.73
CA ALA A 42 33.33 -17.78 -6.23
C ALA A 42 32.42 -17.10 -5.23
N ARG A 43 31.26 -17.71 -5.01
CA ARG A 43 30.30 -17.25 -4.02
C ARG A 43 29.88 -18.36 -3.14
N LEU A 44 29.59 -18.03 -1.88
CA LEU A 44 29.09 -19.04 -0.94
C LEU A 44 28.05 -18.37 -0.10
N GLY A 45 27.08 -19.14 0.36
CA GLY A 45 26.11 -18.62 1.29
C GLY A 45 25.16 -19.64 1.82
N PHE A 46 24.33 -19.16 2.73
CA PHE A 46 23.30 -19.99 3.29
C PHE A 46 22.01 -19.20 3.27
N LYS A 47 20.91 -19.96 3.17
CA LYS A 47 19.62 -19.43 3.21
C LYS A 47 18.81 -20.44 4.01
N GLY A 48 18.10 -19.94 4.99
CA GLY A 48 17.52 -20.74 6.02
C GLY A 48 16.13 -20.22 6.30
N GLU A 49 15.21 -21.15 6.49
CA GLU A 49 13.87 -20.80 6.96
C GLU A 49 13.26 -21.85 7.88
N THR A 50 12.74 -21.37 8.99
CA THR A 50 12.10 -22.21 9.98
C THR A 50 10.57 -21.91 10.14
N GLN A 51 9.78 -22.97 10.13
CA GLN A 51 8.32 -22.92 10.35
C GLN A 51 8.00 -22.88 11.84
N ILE A 52 7.82 -21.71 12.44
CA ILE A 52 7.61 -21.59 13.90
C ILE A 52 6.22 -22.09 14.39
N ASN A 53 5.19 -21.77 13.63
CA ASN A 53 3.85 -22.32 13.77
C ASN A 53 3.25 -22.09 12.39
N SER A 54 1.99 -22.48 12.20
CA SER A 54 1.38 -22.46 10.84
C SER A 54 1.28 -21.08 10.14
N ASP A 55 1.31 -19.99 10.90
CA ASP A 55 1.26 -18.59 10.37
C ASP A 55 2.58 -17.77 10.43
N LEU A 56 3.61 -18.32 11.05
CA LEU A 56 4.82 -17.52 11.34
C LEU A 56 6.05 -18.32 10.96
N THR A 57 6.82 -17.74 10.05
CA THR A 57 8.06 -18.31 9.55
C THR A 57 9.25 -17.37 9.90
N GLY A 58 10.35 -17.96 10.36
CA GLY A 58 11.63 -17.25 10.57
C GLY A 58 12.63 -17.64 9.48
N TYR A 59 13.52 -16.72 9.14
CA TYR A 59 14.47 -16.92 8.07
C TYR A 59 15.73 -16.07 8.26
N GLY A 60 16.78 -16.44 7.52
CA GLY A 60 17.97 -15.65 7.49
C GLY A 60 18.75 -16.11 6.30
N GLN A 61 19.73 -15.27 5.97
CA GLN A 61 20.56 -15.42 4.80
C GLN A 61 21.97 -14.73 4.91
N TRP A 62 22.99 -15.45 4.43
CA TRP A 62 24.29 -14.87 4.38
C TRP A 62 24.83 -15.32 3.09
N GLU A 63 25.52 -14.38 2.41
CA GLU A 63 26.15 -14.59 1.13
C GLU A 63 27.49 -13.84 1.08
N TYR A 64 28.53 -14.52 0.62
CA TYR A 64 29.88 -13.97 0.54
C TYR A 64 30.52 -14.09 -0.86
N ASN A 65 31.41 -13.12 -1.17
CA ASN A 65 32.24 -13.07 -2.40
C ASN A 65 33.72 -13.29 -2.17
N PHE A 66 34.21 -14.37 -2.77
CA PHE A 66 35.64 -14.76 -2.77
C PHE A 66 36.19 -14.45 -4.16
N GLN A 67 37.10 -13.48 -4.29
CA GLN A 67 37.67 -13.27 -5.64
C GLN A 67 38.60 -14.39 -5.89
N GLY A 68 38.67 -14.86 -7.13
CA GLY A 68 39.51 -15.99 -7.46
C GLY A 68 40.60 -15.49 -8.37
N ASN A 69 40.83 -14.19 -8.40
CA ASN A 69 41.83 -13.70 -9.33
C ASN A 69 42.93 -12.86 -8.63
N ASN A 70 43.12 -13.11 -7.35
CA ASN A 70 44.13 -12.48 -6.52
C ASN A 70 45.27 -13.45 -6.31
N SER A 71 46.48 -13.01 -6.02
CA SER A 71 47.50 -14.03 -5.67
C SER A 71 47.29 -14.63 -4.25
N GLU A 72 48.10 -15.57 -3.82
CA GLU A 72 48.05 -15.98 -2.46
C GLU A 72 48.93 -15.16 -1.56
N GLY A 73 49.41 -14.02 -2.07
CA GLY A 73 50.30 -13.13 -1.33
C GLY A 73 49.56 -11.93 -0.76
N ALA A 74 50.16 -10.73 -0.88
CA ALA A 74 49.63 -9.57 -0.14
C ALA A 74 48.27 -9.09 -0.61
N ASP A 75 47.98 -9.25 -1.89
CA ASP A 75 46.69 -8.86 -2.43
C ASP A 75 45.59 -9.93 -2.26
N ALA A 76 45.83 -10.98 -1.49
CA ALA A 76 44.82 -12.10 -1.39
C ALA A 76 43.37 -11.72 -1.05
N GLN A 77 43.19 -10.62 -0.32
CA GLN A 77 41.89 -10.19 0.21
C GLN A 77 41.01 -9.30 -0.73
N THR A 78 41.68 -8.60 -1.68
CA THR A 78 41.07 -7.64 -2.62
C THR A 78 39.74 -8.17 -3.15
N GLY A 79 38.71 -7.30 -3.17
CA GLY A 79 37.34 -7.65 -3.62
C GLY A 79 36.52 -8.75 -2.88
N ASN A 80 37.06 -9.23 -1.77
CA ASN A 80 36.33 -10.17 -0.89
C ASN A 80 35.49 -9.36 0.07
N LYS A 81 34.26 -9.83 0.26
CA LYS A 81 33.27 -9.11 1.02
C LYS A 81 32.00 -9.93 1.30
N THR A 82 31.23 -9.53 2.30
CA THR A 82 29.90 -10.12 2.51
C THR A 82 28.99 -9.35 1.62
N ARG A 83 28.07 -10.05 0.96
CA ARG A 83 27.06 -9.39 0.15
C ARG A 83 25.79 -9.22 0.89
N LEU A 84 25.36 -10.25 1.63
CA LEU A 84 24.09 -10.26 2.30
C LEU A 84 24.30 -10.84 3.67
N ALA A 85 23.57 -10.31 4.63
CA ALA A 85 23.65 -10.77 6.02
C ALA A 85 22.45 -10.23 6.72
N PHE A 86 21.34 -11.04 6.78
CA PHE A 86 20.16 -10.57 7.41
C PHE A 86 19.25 -11.72 7.92
N ALA A 87 18.34 -11.33 8.84
CA ALA A 87 17.34 -12.26 9.38
C ALA A 87 16.06 -11.47 9.57
N GLY A 88 14.95 -12.19 9.64
CA GLY A 88 13.64 -11.60 9.78
C GLY A 88 12.52 -12.62 10.08
N LEU A 89 11.28 -12.13 10.14
CA LEU A 89 10.09 -12.95 10.39
C LEU A 89 9.04 -12.60 9.34
N LYS A 90 8.28 -13.64 9.00
CA LYS A 90 7.26 -13.54 8.02
C LYS A 90 5.92 -14.06 8.65
N TYR A 91 4.98 -13.14 8.82
CA TYR A 91 3.72 -13.43 9.48
C TYR A 91 2.55 -13.52 8.49
N ALA A 92 2.08 -14.75 8.32
CA ALA A 92 0.87 -15.13 7.53
C ALA A 92 0.44 -14.14 6.50
N ASP A 93 -0.44 -13.21 6.86
CA ASP A 93 -1.03 -12.33 5.85
C ASP A 93 -0.35 -10.98 5.94
N VAL A 94 0.26 -10.74 7.09
CA VAL A 94 0.63 -9.44 7.57
C VAL A 94 1.87 -8.89 6.89
N GLY A 95 2.79 -9.78 6.52
CA GLY A 95 3.99 -9.40 5.79
C GLY A 95 5.31 -9.82 6.44
N SER A 96 6.41 -9.39 5.83
CA SER A 96 7.72 -9.78 6.29
C SER A 96 8.47 -8.57 6.88
N PHE A 97 9.29 -8.82 7.90
CA PHE A 97 10.21 -7.84 8.37
C PHE A 97 11.59 -8.46 8.54
N ASP A 98 12.62 -7.78 8.01
CA ASP A 98 14.00 -8.21 8.16
C ASP A 98 14.98 -7.05 8.40
N TYR A 99 16.08 -7.33 9.11
CA TYR A 99 17.13 -6.32 9.34
C TYR A 99 18.51 -6.90 9.00
N GLY A 100 19.38 -6.06 8.42
CA GLY A 100 20.78 -6.39 8.16
C GLY A 100 21.39 -5.76 6.92
N ARG A 101 22.33 -6.45 6.28
CA ARG A 101 22.79 -6.11 4.90
C ARG A 101 21.84 -6.74 3.90
N ASN A 102 21.19 -5.85 3.13
CA ASN A 102 20.24 -6.27 2.12
C ASN A 102 20.20 -5.34 0.97
N TYR A 103 19.39 -5.73 0.01
CA TYR A 103 19.06 -4.95 -1.20
C TYR A 103 18.23 -3.78 -0.81
N GLY A 104 18.76 -2.58 -1.18
CA GLY A 104 17.94 -1.39 -1.22
C GLY A 104 16.65 -1.63 -1.98
N VAL A 105 15.61 -0.95 -1.48
CA VAL A 105 14.23 -1.02 -1.96
C VAL A 105 13.97 -0.58 -3.41
N VAL A 106 14.77 0.40 -3.85
CA VAL A 106 14.73 0.89 -5.23
C VAL A 106 15.24 -0.14 -6.22
N TYR A 107 16.14 -1.00 -5.74
CA TYR A 107 16.44 -2.19 -6.45
C TYR A 107 15.18 -3.06 -6.73
N ASP A 108 14.05 -2.82 -6.05
CA ASP A 108 12.83 -3.62 -6.39
C ASP A 108 12.47 -3.13 -7.75
N ALA A 109 12.94 -1.91 -8.10
CA ALA A 109 12.73 -1.52 -9.50
C ALA A 109 13.86 -1.94 -10.41
N LEU A 110 15.10 -1.51 -10.14
CA LEU A 110 16.28 -1.86 -10.97
C LEU A 110 16.44 -3.37 -11.20
N GLY A 111 15.81 -4.21 -10.36
CA GLY A 111 15.84 -5.70 -10.56
C GLY A 111 15.34 -6.14 -11.95
N TYR A 112 14.48 -5.32 -12.54
CA TYR A 112 13.85 -5.65 -13.84
C TYR A 112 14.84 -5.89 -14.97
N THR A 113 15.82 -4.98 -15.08
CA THR A 113 16.78 -4.99 -16.15
C THR A 113 18.12 -5.57 -15.74
N ASP A 114 18.29 -5.85 -14.43
CA ASP A 114 19.56 -6.42 -13.93
C ASP A 114 19.56 -7.92 -14.23
N MET A 115 19.68 -8.25 -15.50
CA MET A 115 19.41 -9.60 -15.99
C MET A 115 20.45 -10.05 -17.00
N LEU A 116 21.53 -9.26 -17.20
CA LEU A 116 22.49 -9.64 -18.27
C LEU A 116 23.34 -10.87 -17.90
N PRO A 117 23.84 -11.59 -18.91
CA PRO A 117 24.78 -12.68 -18.59
C PRO A 117 25.98 -12.24 -17.72
N GLU A 118 26.58 -11.06 -17.95
CA GLU A 118 27.62 -10.66 -17.06
C GLU A 118 27.58 -9.20 -16.58
N PHE A 119 27.38 -8.25 -17.50
CA PHE A 119 27.30 -6.84 -17.13
C PHE A 119 25.84 -6.39 -16.80
N GLY A 120 25.55 -5.13 -17.04
CA GLY A 120 24.22 -4.57 -16.90
C GLY A 120 24.03 -4.21 -15.45
N GLY A 121 22.87 -3.63 -15.14
CA GLY A 121 22.53 -3.34 -13.76
C GLY A 121 23.43 -2.22 -13.28
N ASP A 122 23.85 -1.35 -14.19
CA ASP A 122 24.91 -0.33 -13.97
C ASP A 122 24.54 0.69 -12.95
N THR A 123 23.23 0.91 -12.75
CA THR A 123 22.81 1.93 -11.81
C THR A 123 22.57 1.45 -10.37
N ALA A 124 22.57 0.12 -10.18
CA ALA A 124 22.41 -0.52 -8.88
C ALA A 124 23.75 -0.61 -8.13
N TYR A 125 24.40 0.54 -7.92
CA TYR A 125 25.59 0.64 -7.07
C TYR A 125 25.40 0.02 -5.66
N SER A 126 26.41 -0.71 -5.22
CA SER A 126 26.63 -1.10 -3.81
C SER A 126 26.97 0.06 -2.93
N ASP A 127 26.43 -0.02 -1.70
CA ASP A 127 26.52 0.97 -0.66
C ASP A 127 26.20 2.32 -1.24
N ASP A 128 25.01 2.38 -1.83
CA ASP A 128 24.56 3.58 -2.51
C ASP A 128 23.14 3.95 -2.17
N PHE A 129 22.87 4.18 -0.88
CA PHE A 129 21.53 4.53 -0.45
C PHE A 129 20.60 3.36 -0.86
N PHE A 130 19.73 3.50 -1.85
CA PHE A 130 18.63 2.52 -2.00
C PHE A 130 18.67 1.65 -3.21
N VAL A 131 19.70 1.85 -4.02
CA VAL A 131 19.81 1.18 -5.35
C VAL A 131 20.51 -0.18 -5.38
N GLY A 132 21.30 -0.48 -4.34
CA GLY A 132 22.05 -1.75 -4.33
C GLY A 132 22.06 -2.32 -2.92
N ARG A 133 22.93 -3.30 -2.73
CA ARG A 133 23.19 -3.87 -1.44
C ARG A 133 23.74 -2.78 -0.54
N VAL A 134 23.26 -2.79 0.70
CA VAL A 134 23.55 -1.75 1.63
C VAL A 134 23.43 -2.30 3.03
N GLY A 135 24.24 -1.71 3.90
CA GLY A 135 24.22 -2.06 5.29
C GLY A 135 23.25 -1.30 6.18
N GLY A 136 22.54 -2.03 7.03
CA GLY A 136 21.80 -1.39 8.11
C GLY A 136 20.37 -1.03 7.72
N VAL A 137 19.69 -1.93 6.97
CA VAL A 137 18.34 -1.66 6.53
C VAL A 137 17.31 -2.55 7.20
N ALA A 138 16.23 -1.90 7.64
CA ALA A 138 15.08 -2.58 8.19
C ALA A 138 14.06 -2.58 7.07
N THR A 139 13.64 -3.75 6.63
CA THR A 139 12.79 -3.83 5.49
C THR A 139 11.52 -4.55 5.76
N TYR A 140 10.40 -3.84 5.49
CA TYR A 140 9.10 -4.46 5.58
C TYR A 140 8.47 -4.74 4.22
N ARG A 141 7.87 -5.94 4.05
CA ARG A 141 7.32 -6.34 2.77
C ARG A 141 5.96 -7.05 2.85
N ASN A 142 5.15 -6.74 1.83
CA ASN A 142 3.79 -7.12 1.78
C ASN A 142 3.50 -7.65 0.42
N SER A 143 2.84 -8.80 0.41
CA SER A 143 2.43 -9.50 -0.78
C SER A 143 0.93 -9.56 -0.89
N ASN A 144 0.43 -9.29 -2.10
CA ASN A 144 -0.99 -9.40 -2.41
C ASN A 144 -1.88 -8.56 -1.47
N PHE A 145 -1.42 -7.36 -1.11
CA PHE A 145 -2.10 -6.46 -0.17
C PHE A 145 -2.83 -7.19 0.96
N PHE A 146 -2.04 -7.81 1.84
CA PHE A 146 -2.55 -8.48 3.07
C PHE A 146 -3.43 -9.69 2.72
N GLY A 147 -3.18 -10.28 1.54
CA GLY A 147 -3.91 -11.47 1.06
C GLY A 147 -5.15 -11.05 0.27
N LEU A 148 -5.36 -9.75 0.09
CA LEU A 148 -6.63 -9.25 -0.42
C LEU A 148 -6.64 -8.90 -1.91
N VAL A 149 -5.47 -8.56 -2.48
CA VAL A 149 -5.40 -8.19 -3.89
C VAL A 149 -4.20 -8.87 -4.59
N ASP A 150 -4.46 -10.03 -5.22
CA ASP A 150 -3.44 -10.79 -5.98
C ASP A 150 -2.61 -9.88 -6.91
N GLY A 151 -1.28 -9.92 -6.77
CA GLY A 151 -0.31 -9.22 -7.65
C GLY A 151 0.12 -7.85 -7.16
N LEU A 152 -0.67 -7.33 -6.21
CA LEU A 152 -0.34 -6.05 -5.60
C LEU A 152 0.57 -6.17 -4.35
N ASN A 153 1.81 -5.78 -4.53
CA ASN A 153 2.78 -5.96 -3.45
C ASN A 153 3.34 -4.57 -3.10
N PHE A 154 3.81 -4.38 -1.87
CA PHE A 154 4.54 -3.15 -1.55
C PHE A 154 5.55 -3.40 -0.47
N ALA A 155 6.34 -2.37 -0.15
CA ALA A 155 7.39 -2.52 0.75
C ALA A 155 7.92 -1.17 1.21
N VAL A 156 8.40 -1.10 2.45
CA VAL A 156 9.03 0.12 2.96
C VAL A 156 10.23 -0.42 3.72
N GLN A 157 11.17 0.48 3.94
CA GLN A 157 12.50 0.17 4.25
C GLN A 157 13.14 1.43 4.89
N TYR A 158 13.81 1.23 6.04
CA TYR A 158 14.40 2.30 6.83
C TYR A 158 15.87 2.03 6.82
N LEU A 159 16.64 3.08 6.53
CA LEU A 159 18.05 3.01 6.35
C LEU A 159 18.69 3.83 7.43
N GLY A 160 19.55 3.19 8.23
CA GLY A 160 20.25 3.88 9.29
C GLY A 160 21.56 4.47 8.78
N LYS A 161 21.97 5.57 9.41
CA LYS A 161 23.21 6.25 9.11
C LYS A 161 24.39 5.28 9.14
N ASN A 162 25.17 5.29 8.06
CA ASN A 162 26.50 4.64 8.04
C ASN A 162 27.64 5.64 7.87
N GLU A 163 28.26 6.00 8.98
CA GLU A 163 29.28 7.00 8.89
C GLU A 163 30.62 6.34 8.75
N ARG A 164 30.98 6.06 7.50
CA ARG A 164 32.11 5.20 7.13
C ARG A 164 33.34 6.06 6.85
N ASP A 165 34.50 5.46 6.62
CA ASP A 165 35.73 6.24 6.37
C ASP A 165 35.77 6.96 5.03
N THR A 166 34.92 6.56 4.11
CA THR A 166 34.88 7.20 2.80
C THR A 166 33.48 7.76 2.50
N ALA A 167 33.46 8.91 1.82
CA ALA A 167 32.22 9.49 1.24
C ALA A 167 31.48 8.45 0.41
N ARG A 168 32.20 7.79 -0.45
CA ARG A 168 31.63 6.88 -1.40
C ARG A 168 30.70 5.78 -0.74
N ARG A 169 31.06 5.35 0.46
CA ARG A 169 30.52 4.17 1.15
C ARG A 169 29.60 4.53 2.34
N SER A 170 29.42 5.85 2.52
CA SER A 170 28.52 6.43 3.50
C SER A 170 27.02 6.71 3.12
N ASN A 171 26.19 6.91 4.16
CA ASN A 171 24.86 7.50 4.02
C ASN A 171 24.48 8.08 5.37
N GLY A 172 23.54 9.01 5.42
CA GLY A 172 22.79 9.41 6.64
C GLY A 172 21.51 8.59 6.68
N ASP A 173 20.61 8.92 7.61
CA ASP A 173 19.35 8.13 7.76
C ASP A 173 18.46 8.49 6.61
N GLY A 174 17.56 7.60 6.25
CA GLY A 174 16.70 7.76 5.08
C GLY A 174 15.54 6.78 5.15
N VAL A 175 14.52 6.99 4.31
CA VAL A 175 13.36 6.13 4.17
C VAL A 175 13.15 5.97 2.68
N GLY A 176 12.55 4.85 2.27
CA GLY A 176 12.36 4.53 0.88
C GLY A 176 11.27 3.46 0.86
N GLY A 177 10.63 3.26 -0.28
CA GLY A 177 9.55 2.29 -0.40
C GLY A 177 9.36 2.02 -1.88
N SER A 178 8.44 1.09 -2.17
CA SER A 178 8.26 0.58 -3.47
C SER A 178 6.87 -0.06 -3.54
N ILE A 179 6.27 -0.07 -4.73
CA ILE A 179 4.94 -0.57 -4.96
C ILE A 179 5.04 -1.16 -6.37
N SER A 180 4.38 -2.32 -6.56
CA SER A 180 4.35 -3.02 -7.82
C SER A 180 3.09 -3.91 -8.05
N TYR A 181 2.72 -4.07 -9.31
CA TYR A 181 1.55 -4.84 -9.70
C TYR A 181 1.92 -5.82 -10.84
N GLU A 182 1.37 -7.04 -10.76
CA GLU A 182 1.63 -8.10 -11.69
C GLU A 182 0.35 -8.84 -12.05
N TYR A 183 0.03 -8.77 -13.33
CA TYR A 183 -1.09 -9.43 -13.93
C TYR A 183 -0.61 -10.26 -15.16
N GLU A 184 -0.70 -11.60 -15.09
CA GLU A 184 -0.30 -12.56 -16.17
C GLU A 184 0.82 -12.08 -17.17
N GLY A 185 2.05 -12.02 -16.65
CA GLY A 185 3.21 -11.72 -17.46
C GLY A 185 3.65 -10.29 -17.34
N PHE A 186 2.71 -9.37 -17.22
CA PHE A 186 3.15 -7.98 -17.15
C PHE A 186 3.46 -7.68 -15.70
N GLY A 187 4.29 -6.64 -15.49
CA GLY A 187 4.76 -6.30 -14.20
C GLY A 187 4.97 -4.80 -14.27
N ILE A 188 4.39 -4.05 -13.34
CA ILE A 188 4.72 -2.63 -13.27
C ILE A 188 5.23 -2.37 -11.85
N VAL A 189 6.20 -1.45 -11.70
CA VAL A 189 6.79 -1.20 -10.39
C VAL A 189 7.25 0.23 -10.28
N GLY A 190 7.13 0.80 -9.08
CA GLY A 190 7.73 2.09 -8.77
C GLY A 190 8.42 2.11 -7.42
N ALA A 191 9.50 2.91 -7.32
CA ALA A 191 10.32 2.93 -6.14
C ALA A 191 10.97 4.26 -5.95
N TYR A 192 11.07 4.67 -4.69
CA TYR A 192 11.57 5.97 -4.35
C TYR A 192 12.13 5.85 -2.95
N GLY A 193 13.29 6.47 -2.74
CA GLY A 193 13.78 6.72 -1.42
C GLY A 193 14.60 8.02 -1.35
N ALA A 194 14.65 8.63 -0.16
CA ALA A 194 15.60 9.70 0.14
C ALA A 194 16.20 9.54 1.53
N ALA A 195 17.32 10.24 1.73
CA ALA A 195 18.17 10.11 2.87
C ALA A 195 19.10 11.33 3.03
N ASP A 196 19.44 11.60 4.28
CA ASP A 196 20.47 12.54 4.63
C ASP A 196 21.79 12.12 4.07
N ARG A 197 22.57 13.12 3.64
CA ARG A 197 23.96 12.94 3.25
C ARG A 197 24.79 13.24 4.49
N THR A 198 26.04 12.82 4.52
CA THR A 198 26.86 13.01 5.72
C THR A 198 27.84 14.14 5.44
N ASN A 199 28.34 14.78 6.49
CA ASN A 199 29.20 15.94 6.25
C ASN A 199 30.39 15.60 5.38
N LEU A 200 30.87 14.35 5.46
CA LEU A 200 31.97 13.87 4.61
C LEU A 200 31.53 13.77 3.13
N GLN A 201 30.30 13.37 2.87
CA GLN A 201 29.82 13.33 1.49
C GLN A 201 29.73 14.75 0.92
N GLU A 202 29.35 15.68 1.79
CA GLU A 202 29.11 17.04 1.36
C GLU A 202 30.40 17.81 1.16
N ALA A 203 31.47 17.41 1.86
CA ALA A 203 32.75 18.11 1.81
C ALA A 203 33.48 17.78 0.51
N GLN A 204 32.87 16.89 -0.28
CA GLN A 204 33.45 16.48 -1.55
C GLN A 204 33.31 17.59 -2.59
N PRO A 205 34.34 17.79 -3.44
CA PRO A 205 34.27 18.75 -4.55
C PRO A 205 33.07 18.52 -5.48
N LEU A 206 32.67 17.26 -5.72
CA LEU A 206 31.54 16.95 -6.64
C LEU A 206 30.28 16.49 -5.91
N GLY A 207 29.16 17.17 -6.16
CA GLY A 207 27.95 16.97 -5.37
C GLY A 207 27.77 18.05 -4.33
N ASN A 208 26.60 18.69 -4.37
CA ASN A 208 26.24 19.74 -3.43
C ASN A 208 24.77 19.60 -3.02
N GLY A 209 24.53 19.32 -1.73
CA GLY A 209 23.17 19.17 -1.21
C GLY A 209 23.06 18.36 0.08
N LYS A 210 21.94 18.52 0.77
CA LYS A 210 21.79 17.86 2.06
C LYS A 210 21.02 16.52 1.96
N LYS A 211 20.09 16.38 1.02
CA LYS A 211 19.30 15.14 0.80
C LYS A 211 19.76 14.43 -0.45
N ALA A 212 19.83 13.09 -0.40
CA ALA A 212 20.12 12.30 -1.61
C ALA A 212 18.84 11.65 -2.00
N GLU A 213 18.57 11.57 -3.31
CA GLU A 213 17.28 11.02 -3.76
C GLU A 213 17.40 10.04 -4.92
N GLN A 214 16.59 8.98 -4.91
CA GLN A 214 16.62 8.06 -6.04
C GLN A 214 15.27 7.48 -6.28
N TRP A 215 14.85 7.47 -7.53
CA TRP A 215 13.64 6.78 -7.88
C TRP A 215 13.88 6.18 -9.24
N ALA A 216 13.06 5.18 -9.53
CA ALA A 216 13.08 4.42 -10.73
C ALA A 216 11.70 3.78 -10.86
N THR A 217 11.30 3.53 -12.10
CA THR A 217 10.10 2.75 -12.39
C THR A 217 10.55 1.69 -13.37
N GLY A 218 9.70 0.67 -13.53
CA GLY A 218 10.08 -0.47 -14.27
C GLY A 218 8.87 -1.08 -14.92
N LEU A 219 9.05 -1.55 -16.17
CA LEU A 219 7.96 -2.10 -16.95
C LEU A 219 8.46 -3.38 -17.53
N LYS A 220 7.64 -4.45 -17.51
CA LYS A 220 8.14 -5.75 -17.90
C LYS A 220 7.13 -6.78 -18.41
N TYR A 221 7.56 -7.55 -19.40
CA TYR A 221 6.84 -8.76 -19.83
C TYR A 221 7.70 -10.01 -19.60
N ASP A 222 7.10 -11.05 -19.01
CA ASP A 222 7.86 -12.16 -18.48
C ASP A 222 7.02 -13.43 -18.46
N ALA A 223 6.78 -14.00 -19.63
CA ALA A 223 6.04 -15.25 -19.79
C ALA A 223 6.35 -15.76 -21.18
N ASN A 224 5.91 -17.00 -21.46
CA ASN A 224 6.08 -17.59 -22.80
C ASN A 224 7.49 -17.55 -23.38
N ASN A 225 8.47 -17.67 -22.48
CA ASN A 225 9.90 -17.65 -22.80
C ASN A 225 10.46 -16.30 -23.19
N ILE A 226 9.66 -15.24 -23.12
CA ILE A 226 10.16 -13.92 -23.48
C ILE A 226 10.46 -13.11 -22.20
N TYR A 227 11.49 -12.27 -22.26
CA TYR A 227 11.73 -11.31 -21.22
C TYR A 227 12.00 -9.95 -21.83
N LEU A 228 11.07 -9.04 -21.67
CA LEU A 228 11.27 -7.70 -22.10
C LEU A 228 11.07 -6.92 -20.83
N ALA A 229 11.89 -5.89 -20.66
CA ALA A 229 11.80 -5.07 -19.48
C ALA A 229 12.45 -3.70 -19.78
N ALA A 230 11.94 -2.62 -19.18
CA ALA A 230 12.60 -1.29 -19.19
C ALA A 230 12.57 -0.71 -17.79
N ASN A 231 13.50 0.20 -17.52
CA ASN A 231 13.60 0.94 -16.28
C ASN A 231 13.94 2.40 -16.58
N TYR A 232 13.32 3.35 -15.92
CA TYR A 232 13.71 4.76 -16.12
C TYR A 232 13.77 5.24 -14.69
N GLY A 233 14.76 6.06 -14.38
CA GLY A 233 14.92 6.53 -13.04
C GLY A 233 15.76 7.79 -13.03
N GLU A 234 15.76 8.49 -11.91
CA GLU A 234 16.56 9.71 -11.72
C GLU A 234 17.13 9.72 -10.33
N THR A 235 18.15 10.55 -10.11
CA THR A 235 18.81 10.66 -8.86
C THR A 235 19.24 12.10 -8.63
N ARG A 236 19.17 12.58 -7.38
CA ARG A 236 19.85 13.81 -6.99
C ARG A 236 20.90 13.47 -5.94
N ASN A 237 22.15 13.86 -6.17
CA ASN A 237 23.19 13.76 -5.15
C ASN A 237 23.46 12.35 -4.60
N ALA A 238 23.11 11.32 -5.36
CA ALA A 238 23.26 9.96 -4.95
C ALA A 238 24.25 9.11 -5.80
N THR A 239 24.33 9.33 -7.11
CA THR A 239 25.20 8.55 -7.97
C THR A 239 26.67 8.93 -7.83
N PRO A 240 27.52 7.93 -7.49
CA PRO A 240 28.90 8.24 -7.20
C PRO A 240 29.66 8.42 -8.49
N ILE A 241 30.48 9.45 -8.54
CA ILE A 241 31.24 9.73 -9.74
C ILE A 241 32.66 10.10 -9.40
N THR A 242 33.51 9.86 -10.38
CA THR A 242 34.92 10.17 -10.21
C THR A 242 35.36 10.85 -11.50
N ASN A 243 36.17 11.90 -11.38
CA ASN A 243 36.76 12.57 -12.55
C ASN A 243 38.19 12.11 -12.79
N LYS A 244 38.36 11.16 -13.71
CA LYS A 244 39.69 10.57 -13.97
C LYS A 244 40.83 11.61 -14.06
N PHE A 245 40.53 12.84 -14.51
CA PHE A 245 41.53 13.87 -14.88
C PHE A 245 42.15 14.72 -13.75
N THR A 246 41.41 14.94 -12.65
CA THR A 246 41.99 15.66 -11.50
C THR A 246 42.11 14.79 -10.23
N ASN A 247 41.67 13.52 -10.35
CA ASN A 247 41.46 12.61 -9.21
C ASN A 247 40.47 13.16 -8.16
N THR A 248 39.51 13.95 -8.61
CA THR A 248 38.42 14.36 -7.74
C THR A 248 37.23 13.38 -7.82
N SER A 249 36.41 13.39 -6.79
CA SER A 249 35.33 12.43 -6.69
C SER A 249 34.19 12.96 -5.87
N GLY A 250 33.05 12.32 -5.96
CA GLY A 250 31.98 12.60 -5.07
C GLY A 250 30.72 12.06 -5.70
N PHE A 251 29.76 12.95 -5.88
CA PHE A 251 28.44 12.53 -6.30
C PHE A 251 27.84 13.44 -7.35
N ALA A 252 27.15 12.83 -8.31
CA ALA A 252 26.48 13.54 -9.37
C ALA A 252 25.24 14.31 -8.84
N ASN A 253 25.20 15.63 -9.07
CA ASN A 253 24.04 16.43 -8.66
C ASN A 253 22.70 15.89 -9.14
N LYS A 254 22.62 15.50 -10.41
CA LYS A 254 21.46 14.77 -10.96
C LYS A 254 21.98 13.73 -11.92
N THR A 255 21.19 12.69 -12.17
CA THR A 255 21.47 11.80 -13.29
C THR A 255 20.13 11.39 -13.81
N GLN A 256 20.06 10.93 -15.07
CA GLN A 256 18.83 10.32 -15.62
C GLN A 256 19.31 9.05 -16.29
N ASP A 257 18.52 7.99 -16.21
CA ASP A 257 19.01 6.65 -16.41
C ASP A 257 17.95 5.91 -17.14
N VAL A 258 18.33 5.16 -18.16
CA VAL A 258 17.39 4.30 -18.78
C VAL A 258 18.16 3.05 -19.08
N LEU A 259 17.45 1.93 -19.02
CA LEU A 259 17.99 0.63 -19.25
C LEU A 259 16.86 -0.17 -19.88
N LEU A 260 17.15 -0.86 -20.97
CA LEU A 260 16.20 -1.68 -21.65
C LEU A 260 16.83 -3.01 -21.89
N VAL A 261 16.00 -4.06 -21.99
CA VAL A 261 16.52 -5.39 -22.13
C VAL A 261 15.52 -6.35 -22.81
N ALA A 262 16.03 -7.17 -23.73
CA ALA A 262 15.19 -8.13 -24.39
C ALA A 262 15.92 -9.45 -24.49
N GLN A 263 15.23 -10.52 -24.12
CA GLN A 263 15.87 -11.83 -24.03
C GLN A 263 14.86 -12.84 -24.42
N TYR A 264 15.30 -14.02 -24.84
CA TYR A 264 14.37 -15.12 -25.13
C TYR A 264 15.02 -16.33 -24.56
N GLN A 265 14.25 -17.33 -24.12
CA GLN A 265 14.82 -18.54 -23.54
C GLN A 265 14.36 -19.74 -24.33
N PHE A 266 15.27 -20.30 -25.14
CA PHE A 266 14.93 -21.47 -25.94
C PHE A 266 14.90 -22.61 -24.98
N ASP A 267 14.08 -23.61 -25.26
CA ASP A 267 13.99 -24.81 -24.39
C ASP A 267 15.25 -25.69 -24.35
N PHE A 268 16.08 -25.57 -25.38
CA PHE A 268 17.29 -26.39 -25.44
C PHE A 268 18.44 -25.79 -24.59
N GLY A 269 18.28 -24.55 -24.15
CA GLY A 269 19.15 -24.00 -23.13
C GLY A 269 19.76 -22.68 -23.49
N LEU A 270 19.60 -22.24 -24.74
CA LEU A 270 20.15 -20.95 -25.12
C LEU A 270 19.22 -19.80 -24.77
N ARG A 271 19.83 -18.68 -24.36
CA ARG A 271 19.16 -17.49 -23.91
C ARG A 271 19.95 -16.25 -24.37
N PRO A 272 19.70 -15.78 -25.58
CA PRO A 272 20.30 -14.57 -26.12
C PRO A 272 19.75 -13.34 -25.46
N SER A 273 20.51 -12.24 -25.55
CA SER A 273 20.17 -11.06 -24.82
C SER A 273 20.60 -9.83 -25.59
N ILE A 274 19.68 -8.89 -25.69
CA ILE A 274 20.11 -7.65 -26.22
C ILE A 274 19.61 -6.65 -25.21
N ALA A 275 20.40 -5.62 -24.99
CA ALA A 275 20.14 -4.66 -23.96
C ALA A 275 20.57 -3.30 -24.47
N TYR A 276 20.00 -2.23 -23.90
CA TYR A 276 20.50 -0.88 -24.09
C TYR A 276 20.63 -0.20 -22.74
N THR A 277 21.67 0.63 -22.53
CA THR A 277 21.83 1.32 -21.25
C THR A 277 22.47 2.72 -21.38
N LYS A 278 21.87 3.74 -20.79
CA LYS A 278 22.49 5.06 -20.77
C LYS A 278 22.15 5.74 -19.46
N SER A 279 23.14 6.43 -18.92
CA SER A 279 23.03 7.12 -17.69
C SER A 279 23.81 8.41 -17.90
N LYS A 280 23.13 9.55 -17.73
CA LYS A 280 23.68 10.87 -17.99
C LYS A 280 23.60 11.66 -16.68
N ALA A 281 24.73 12.23 -16.28
CA ALA A 281 24.78 13.11 -15.12
C ALA A 281 24.46 14.54 -15.57
N LYS A 282 23.95 15.39 -14.67
CA LYS A 282 23.74 16.80 -14.95
C LYS A 282 24.25 17.70 -13.84
N ASP A 283 24.64 18.93 -14.21
CA ASP A 283 25.10 19.94 -13.26
C ASP A 283 26.30 19.46 -12.45
N VAL A 284 27.19 18.71 -13.09
CA VAL A 284 28.44 18.23 -12.47
C VAL A 284 29.38 19.42 -12.31
N GLU A 285 29.57 19.91 -11.09
CA GLU A 285 30.35 21.16 -10.92
C GLU A 285 31.73 21.15 -11.58
N GLY A 286 31.85 21.92 -12.67
CA GLY A 286 33.07 22.09 -13.44
C GLY A 286 32.90 21.53 -14.84
N ILE A 287 31.72 21.00 -15.16
CA ILE A 287 31.52 20.26 -16.41
C ILE A 287 30.13 20.39 -17.02
N GLY A 288 29.10 20.49 -16.20
CA GLY A 288 27.74 20.49 -16.73
C GLY A 288 27.32 19.08 -17.05
N ASP A 289 26.91 18.84 -18.31
CA ASP A 289 26.40 17.53 -18.72
C ASP A 289 27.44 16.58 -19.37
N VAL A 290 27.51 15.36 -18.84
CA VAL A 290 28.49 14.35 -19.24
C VAL A 290 27.90 12.97 -19.01
N ASP A 291 28.14 12.05 -19.93
CA ASP A 291 27.59 10.72 -19.85
C ASP A 291 28.45 9.87 -18.91
N LEU A 292 27.82 8.84 -18.33
CA LEU A 292 28.51 7.96 -17.38
C LEU A 292 28.49 6.54 -17.90
N VAL A 293 27.37 6.13 -18.47
CA VAL A 293 27.23 4.79 -19.04
C VAL A 293 26.46 5.02 -20.31
N ASN A 294 26.83 4.31 -21.38
CA ASN A 294 26.12 4.43 -22.64
C ASN A 294 26.63 3.34 -23.51
N TYR A 295 25.80 2.30 -23.71
CA TYR A 295 26.28 1.18 -24.49
C TYR A 295 25.12 0.36 -24.95
N PHE A 296 25.40 -0.50 -25.92
CA PHE A 296 24.45 -1.52 -26.36
C PHE A 296 25.07 -2.81 -25.97
N GLU A 297 24.27 -3.85 -25.88
CA GLU A 297 24.80 -5.12 -25.47
C GLU A 297 24.14 -6.21 -26.27
N VAL A 298 24.96 -7.21 -26.65
CA VAL A 298 24.52 -8.49 -27.18
C VAL A 298 25.31 -9.52 -26.43
N GLY A 299 24.70 -10.67 -26.20
CA GLY A 299 25.35 -11.75 -25.52
C GLY A 299 24.43 -12.94 -25.44
N ALA A 300 24.91 -14.00 -24.81
CA ALA A 300 24.06 -15.19 -24.62
C ALA A 300 24.55 -16.06 -23.49
N THR A 301 23.62 -16.81 -22.91
CA THR A 301 23.93 -17.75 -21.87
C THR A 301 23.46 -19.09 -22.43
N TYR A 302 24.29 -20.11 -22.28
CA TYR A 302 23.83 -21.43 -22.59
C TYR A 302 23.75 -22.18 -21.27
N TYR A 303 22.55 -22.69 -20.99
CA TYR A 303 22.29 -23.42 -19.77
C TYR A 303 22.29 -24.87 -20.08
N PHE A 304 23.29 -25.62 -19.59
CA PHE A 304 23.35 -27.08 -19.75
C PHE A 304 22.32 -27.72 -18.86
N ASN A 305 22.33 -27.37 -17.57
CA ASN A 305 21.22 -27.62 -16.63
C ASN A 305 21.13 -26.51 -15.55
N LYS A 306 20.45 -26.84 -14.46
CA LYS A 306 20.35 -25.97 -13.30
C LYS A 306 21.71 -25.74 -12.61
N ASN A 307 22.67 -26.62 -12.88
CA ASN A 307 23.97 -26.58 -12.22
C ASN A 307 25.13 -25.99 -13.01
N MET A 308 24.96 -25.97 -14.32
CA MET A 308 26.03 -25.68 -15.23
C MET A 308 25.54 -24.87 -16.37
N SER A 309 26.26 -23.78 -16.58
CA SER A 309 26.02 -22.88 -17.68
C SER A 309 27.33 -22.25 -18.19
N THR A 310 27.29 -21.72 -19.42
CA THR A 310 28.34 -20.91 -19.91
C THR A 310 27.77 -19.67 -20.62
N TYR A 311 28.63 -18.68 -20.89
CA TYR A 311 28.14 -17.43 -21.46
C TYR A 311 29.17 -16.44 -22.10
N VAL A 312 28.66 -15.56 -22.98
CA VAL A 312 29.48 -14.49 -23.56
C VAL A 312 28.77 -13.16 -23.38
N ASP A 313 29.49 -12.10 -23.10
CA ASP A 313 28.79 -10.85 -22.99
C ASP A 313 29.57 -9.74 -23.63
N TYR A 314 28.94 -9.08 -24.61
CA TYR A 314 29.63 -8.11 -25.42
C TYR A 314 28.98 -6.74 -25.30
N ILE A 315 29.79 -5.78 -24.89
CA ILE A 315 29.39 -4.43 -24.53
C ILE A 315 29.97 -3.51 -25.58
N ILE A 316 29.08 -2.86 -26.32
CA ILE A 316 29.51 -2.04 -27.40
C ILE A 316 29.49 -0.64 -26.83
N ASN A 317 30.64 -0.20 -26.38
CA ASN A 317 30.67 1.03 -25.64
C ASN A 317 30.38 2.24 -26.55
N GLN A 318 29.43 3.10 -26.19
CA GLN A 318 29.11 4.31 -26.97
C GLN A 318 29.69 5.55 -26.31
N ILE A 319 30.31 5.42 -25.15
CA ILE A 319 30.91 6.58 -24.51
C ILE A 319 32.05 7.07 -25.39
N ASP A 320 32.05 8.36 -25.70
CA ASP A 320 33.11 8.91 -26.56
C ASP A 320 34.46 9.04 -25.84
N SER A 321 35.52 9.25 -26.62
CA SER A 321 36.89 9.29 -26.11
C SER A 321 37.28 10.63 -25.52
N ASP A 322 36.43 11.64 -25.73
CA ASP A 322 36.70 12.96 -25.19
C ASP A 322 35.90 13.24 -23.90
N ASN A 323 35.07 12.25 -23.52
CA ASN A 323 34.21 12.26 -22.33
C ASN A 323 34.84 13.05 -21.20
N LYS A 324 34.14 14.08 -20.72
CA LYS A 324 34.77 15.05 -19.81
C LYS A 324 35.29 14.43 -18.50
N LEU A 325 34.75 13.27 -18.12
CA LEU A 325 35.11 12.60 -16.85
C LEU A 325 36.15 11.47 -16.94
N GLY A 326 36.42 11.01 -18.16
CA GLY A 326 37.43 9.99 -18.36
C GLY A 326 36.83 8.60 -18.28
N VAL A 327 35.51 8.54 -18.43
CA VAL A 327 34.77 7.28 -18.45
C VAL A 327 35.30 6.51 -19.67
N GLY A 328 35.64 5.23 -19.47
CA GLY A 328 36.18 4.42 -20.55
C GLY A 328 35.28 4.28 -21.78
N SER A 329 35.90 4.26 -22.96
CA SER A 329 35.19 4.29 -24.24
C SER A 329 35.29 3.00 -25.04
N ASP A 330 36.16 2.08 -24.62
CA ASP A 330 36.43 0.87 -25.40
C ASP A 330 35.39 -0.22 -25.11
N ASP A 331 35.22 -1.12 -26.06
CA ASP A 331 34.33 -2.23 -25.84
C ASP A 331 34.87 -3.24 -24.79
N THR A 332 34.05 -4.18 -24.34
CA THR A 332 34.54 -5.27 -23.49
C THR A 332 33.74 -6.51 -23.75
N VAL A 333 34.44 -7.65 -23.83
CA VAL A 333 33.77 -8.92 -23.95
C VAL A 333 34.19 -9.80 -22.77
N ALA A 334 33.20 -10.47 -22.17
CA ALA A 334 33.45 -11.35 -21.04
C ALA A 334 33.13 -12.73 -21.48
N VAL A 335 33.88 -13.74 -21.01
CA VAL A 335 33.51 -15.14 -21.30
C VAL A 335 33.60 -15.75 -19.93
N GLY A 336 32.64 -16.61 -19.60
CA GLY A 336 32.48 -17.21 -18.30
C GLY A 336 32.02 -18.66 -18.36
N ILE A 337 32.54 -19.49 -17.45
CA ILE A 337 31.94 -20.79 -17.22
C ILE A 337 31.53 -20.89 -15.72
N VAL A 338 30.39 -21.56 -15.44
CA VAL A 338 29.80 -21.53 -14.11
C VAL A 338 29.35 -22.88 -13.60
N TYR A 339 29.88 -23.29 -12.45
CA TYR A 339 29.28 -24.38 -11.75
C TYR A 339 28.66 -23.75 -10.49
N GLN A 340 27.40 -24.09 -10.22
CA GLN A 340 26.66 -23.61 -9.05
C GLN A 340 25.78 -24.77 -8.49
N PHE A 341 25.49 -24.70 -7.19
CA PHE A 341 24.74 -25.72 -6.47
C PHE A 341 23.90 -24.95 -5.48
N GLY B 9 2.07 17.10 28.02
CA GLY B 9 1.42 17.44 26.72
C GLY B 9 0.27 16.50 26.31
N ASN B 10 -0.84 16.53 27.07
CA ASN B 10 -2.06 15.78 26.72
C ASN B 10 -3.18 16.75 26.32
N LYS B 11 -3.81 16.54 25.15
CA LYS B 11 -5.07 17.26 24.85
C LYS B 11 -6.32 16.30 24.86
N VAL B 12 -7.25 16.52 25.78
CA VAL B 12 -8.53 15.84 25.77
C VAL B 12 -9.64 16.82 25.49
N ASP B 13 -10.45 16.55 24.47
CA ASP B 13 -11.66 17.29 24.33
C ASP B 13 -12.86 16.38 24.70
N LEU B 14 -13.63 16.80 25.69
CA LEU B 14 -14.98 16.29 25.91
C LEU B 14 -15.88 16.99 24.87
N TYR B 15 -16.72 16.21 24.21
CA TYR B 15 -17.59 16.67 23.13
C TYR B 15 -19.00 16.04 23.22
N GLY B 16 -19.97 16.67 22.54
CA GLY B 16 -21.35 16.22 22.63
C GLY B 16 -22.29 17.09 21.86
N LYS B 17 -23.51 16.62 21.76
CA LYS B 17 -24.61 17.33 21.14
C LYS B 17 -25.97 16.89 21.67
N ALA B 18 -26.92 17.80 21.63
CA ALA B 18 -28.24 17.55 21.99
C ALA B 18 -28.99 17.75 20.71
N VAL B 19 -29.75 16.70 20.28
CA VAL B 19 -30.47 16.78 19.02
C VAL B 19 -32.02 16.59 19.09
N GLY B 20 -32.71 17.72 18.91
CA GLY B 20 -34.13 17.87 18.91
C GLY B 20 -34.53 17.45 17.51
N LEU B 21 -35.27 16.34 17.45
CA LEU B 21 -35.47 15.71 16.21
C LEU B 21 -36.88 15.06 16.12
N HIS B 22 -37.63 15.32 15.03
CA HIS B 22 -38.97 14.73 14.82
C HIS B 22 -39.10 14.11 13.39
N TYR B 23 -39.65 12.88 13.31
CA TYR B 23 -39.98 12.26 12.01
C TYR B 23 -41.45 12.39 11.69
N PHE B 24 -41.73 12.74 10.44
CA PHE B 24 -43.10 12.84 9.93
C PHE B 24 -43.26 11.83 8.84
N SER B 25 -44.16 10.88 9.08
CA SER B 25 -44.51 9.93 8.07
C SER B 25 -46.02 9.76 8.11
N LYS B 26 -46.61 9.49 6.96
CA LYS B 26 -48.06 9.24 6.96
C LYS B 26 -48.43 8.19 8.05
N GLY B 27 -49.33 8.64 8.91
CA GLY B 27 -49.95 7.89 10.00
C GLY B 27 -49.05 7.02 10.83
N ASN B 28 -48.91 5.79 10.37
CA ASN B 28 -48.43 4.64 11.17
C ASN B 28 -47.28 4.86 12.16
N GLY B 29 -46.02 5.09 11.73
CA GLY B 29 -45.55 5.10 10.32
C GLY B 29 -44.71 3.85 10.05
N GLU B 30 -45.31 2.69 10.33
CA GLU B 30 -44.68 1.37 10.27
C GLU B 30 -44.43 0.85 8.85
N ASN B 31 -45.05 1.47 7.86
CA ASN B 31 -44.85 1.08 6.47
C ASN B 31 -44.11 2.22 5.71
N SER B 32 -43.30 3.00 6.45
CA SER B 32 -42.50 4.10 5.86
C SER B 32 -40.97 3.92 5.93
N TYR B 33 -40.24 4.88 5.38
CA TYR B 33 -38.78 4.79 5.41
C TYR B 33 -38.20 4.98 6.82
N GLY B 34 -38.55 6.07 7.50
CA GLY B 34 -37.87 6.45 8.74
C GLY B 34 -38.67 6.30 10.01
N GLY B 35 -39.96 5.95 9.89
CA GLY B 35 -40.83 5.80 11.05
C GLY B 35 -41.50 7.10 11.29
N ASN B 36 -42.22 7.22 12.41
CA ASN B 36 -42.95 8.45 12.74
C ASN B 36 -42.80 8.82 14.22
N GLY B 37 -42.61 10.10 14.55
CA GLY B 37 -42.64 10.45 15.94
C GLY B 37 -41.42 11.15 16.43
N ASP B 38 -41.38 11.32 17.75
CA ASP B 38 -40.21 11.81 18.47
C ASP B 38 -38.99 10.87 18.26
N MET B 39 -37.85 11.46 17.83
CA MET B 39 -36.55 10.74 17.59
C MET B 39 -35.31 11.56 18.18
N THR B 40 -35.61 12.49 19.10
CA THR B 40 -34.61 13.16 19.99
C THR B 40 -33.61 12.17 20.63
N TYR B 41 -32.35 12.55 20.61
CA TYR B 41 -31.28 11.81 21.20
C TYR B 41 -30.14 12.82 21.53
N ALA B 42 -29.12 12.36 22.27
CA ALA B 42 -27.94 13.19 22.63
C ALA B 42 -26.76 12.25 22.49
N ARG B 43 -25.60 12.86 22.24
CA ARG B 43 -24.36 12.12 22.19
C ARG B 43 -23.36 12.68 23.13
N LEU B 44 -22.46 11.83 23.64
CA LEU B 44 -21.35 12.35 24.47
C LEU B 44 -20.14 11.49 24.18
N GLY B 45 -18.97 12.07 24.36
CA GLY B 45 -17.75 11.38 24.08
C GLY B 45 -16.54 12.20 24.45
N PHE B 46 -15.42 11.48 24.49
CA PHE B 46 -14.16 12.06 24.68
C PHE B 46 -13.23 11.60 23.56
N LYS B 47 -12.27 12.48 23.25
CA LYS B 47 -11.25 12.23 22.29
C LYS B 47 -9.97 12.86 22.88
N GLY B 48 -8.95 12.04 22.98
CA GLY B 48 -7.77 12.32 23.73
C GLY B 48 -6.55 11.94 22.90
N GLU B 49 -5.55 12.81 22.92
CA GLU B 49 -4.26 12.48 22.32
C GLU B 49 -3.09 13.07 23.11
N THR B 50 -2.14 12.20 23.40
CA THR B 50 -0.94 12.56 24.11
C THR B 50 0.33 12.45 23.21
N GLN B 51 1.16 13.50 23.25
CA GLN B 51 2.47 13.58 22.56
C GLN B 51 3.55 12.90 23.38
N ILE B 52 3.87 11.63 23.11
CA ILE B 52 4.81 10.88 23.97
C ILE B 52 6.28 11.29 23.76
N ASN B 53 6.64 11.56 22.52
CA ASN B 53 7.92 12.19 22.15
C ASN B 53 7.63 12.72 20.79
N SER B 54 8.61 13.33 20.13
CA SER B 54 8.37 14.07 18.87
C SER B 54 7.82 13.22 17.69
N ASP B 55 8.08 11.92 17.70
CA ASP B 55 7.61 10.96 16.65
C ASP B 55 6.42 10.02 17.02
N LEU B 56 5.99 10.02 18.27
CA LEU B 56 5.06 9.01 18.74
C LEU B 56 3.96 9.67 19.54
N THR B 57 2.74 9.45 19.10
CA THR B 57 1.55 10.00 19.69
C THR B 57 0.62 8.83 20.14
N GLY B 58 0.09 8.95 21.36
CA GLY B 58 -0.98 8.06 21.87
C GLY B 58 -2.34 8.77 21.84
N TYR B 59 -3.41 7.99 21.64
CA TYR B 59 -4.75 8.54 21.56
C TYR B 59 -5.81 7.51 22.00
N GLY B 60 -7.03 8.01 22.23
CA GLY B 60 -8.14 7.13 22.54
C GLY B 60 -9.36 7.98 22.36
N GLN B 61 -10.46 7.24 22.19
CA GLN B 61 -11.74 7.83 21.95
C GLN B 61 -12.95 6.97 22.48
N TRP B 62 -13.94 7.66 23.06
CA TRP B 62 -15.15 6.96 23.48
C TRP B 62 -16.23 7.91 23.11
N GLU B 63 -17.34 7.34 22.58
CA GLU B 63 -18.54 7.99 22.18
C GLU B 63 -19.80 7.14 22.51
N TYR B 64 -20.82 7.79 23.07
CA TYR B 64 -22.02 7.14 23.52
C TYR B 64 -23.30 7.79 23.00
N ASN B 65 -24.34 6.97 22.85
CA ASN B 65 -25.67 7.44 22.40
C ASN B 65 -26.72 7.27 23.48
N PHE B 66 -27.30 8.41 23.83
CA PHE B 66 -28.39 8.55 24.81
C PHE B 66 -29.65 8.88 24.05
N GLN B 67 -30.63 7.95 23.97
CA GLN B 67 -31.88 8.33 23.27
C GLN B 67 -32.63 9.29 24.15
N GLY B 68 -33.29 10.27 23.53
CA GLY B 68 -34.04 11.28 24.26
C GLY B 68 -35.54 11.07 24.06
N ASN B 69 -35.93 9.91 23.55
CA ASN B 69 -37.33 9.70 23.24
C ASN B 69 -37.89 8.45 23.93
N ASN B 70 -37.29 8.08 25.06
CA ASN B 70 -37.78 7.01 25.90
C ASN B 70 -38.44 7.58 27.13
N SER B 71 -39.36 6.85 27.78
CA SER B 71 -39.84 7.41 29.06
C SER B 71 -38.74 7.34 30.17
N GLU B 72 -39.02 7.85 31.35
CA GLU B 72 -38.17 7.52 32.47
C GLU B 72 -38.57 6.21 33.18
N GLY B 73 -39.41 5.38 32.55
CA GLY B 73 -39.89 4.13 33.15
C GLY B 73 -39.14 2.93 32.58
N ALA B 74 -39.85 1.86 32.23
CA ALA B 74 -39.16 0.59 31.90
C ALA B 74 -38.39 0.65 30.60
N ASP B 75 -38.85 1.45 29.66
CA ASP B 75 -38.21 1.53 28.38
C ASP B 75 -37.00 2.53 28.36
N ALA B 76 -36.57 3.02 29.53
CA ALA B 76 -35.54 4.13 29.58
C ALA B 76 -34.22 3.87 28.83
N GLN B 77 -33.83 2.60 28.72
CA GLN B 77 -32.54 2.19 28.14
C GLN B 77 -32.49 2.02 26.61
N THR B 78 -33.66 1.67 26.01
CA THR B 78 -33.84 1.46 24.57
C THR B 78 -32.99 2.39 23.70
N GLY B 79 -32.24 1.78 22.78
CA GLY B 79 -31.38 2.49 21.83
C GLY B 79 -30.14 3.24 22.38
N ASN B 80 -29.85 3.07 23.68
CA ASN B 80 -28.61 3.56 24.31
C ASN B 80 -27.56 2.50 24.14
N LYS B 81 -26.37 2.99 23.81
CA LYS B 81 -25.26 2.19 23.42
C LYS B 81 -23.94 3.01 23.28
N THR B 82 -22.83 2.30 23.36
CA THR B 82 -21.53 2.90 23.08
C THR B 82 -21.37 2.82 21.59
N ARG B 83 -20.84 3.88 20.97
CA ARG B 83 -20.59 3.85 19.54
C ARG B 83 -19.16 3.51 19.24
N LEU B 84 -18.27 4.04 20.05
CA LEU B 84 -16.87 3.98 19.81
C LEU B 84 -16.19 3.81 21.12
N ALA B 85 -15.18 2.93 21.14
CA ALA B 85 -14.36 2.72 22.34
C ALA B 85 -13.05 2.11 21.87
N PHE B 86 -12.02 2.97 21.70
CA PHE B 86 -10.76 2.49 21.27
C PHE B 86 -9.54 3.34 21.69
N ALA B 87 -8.35 2.69 21.64
CA ALA B 87 -7.07 3.41 21.86
C ALA B 87 -6.07 2.83 20.88
N GLY B 88 -5.05 3.62 20.57
CA GLY B 88 -3.96 3.20 19.73
C GLY B 88 -2.74 4.16 19.80
N LEU B 89 -1.76 3.89 18.92
CA LEU B 89 -0.51 4.68 18.83
C LEU B 89 -0.28 5.03 17.38
N LYS B 90 0.31 6.20 17.20
CA LYS B 90 0.60 6.73 15.90
C LYS B 90 2.12 7.12 15.87
N TYR B 91 2.85 6.44 15.00
CA TYR B 91 4.30 6.57 14.95
C TYR B 91 4.73 7.26 13.68
N ALA B 92 5.24 8.48 13.89
CA ALA B 92 5.84 9.35 12.85
C ALA B 92 5.45 9.08 11.42
N ASP B 93 6.27 8.29 10.73
CA ASP B 93 6.02 8.07 9.30
C ASP B 93 5.28 6.77 9.09
N VAL B 94 5.38 5.89 10.09
CA VAL B 94 5.14 4.47 9.99
C VAL B 94 3.67 4.12 9.98
N GLY B 95 2.86 4.88 10.73
CA GLY B 95 1.42 4.73 10.71
C GLY B 95 0.75 4.64 12.07
N SER B 96 -0.57 4.45 12.05
CA SER B 96 -1.31 4.31 13.29
C SER B 96 -1.79 2.88 13.47
N PHE B 97 -1.88 2.45 14.73
CA PHE B 97 -2.51 1.22 15.09
C PHE B 97 -3.45 1.46 16.27
N ASP B 98 -4.65 0.87 16.19
CA ASP B 98 -5.66 0.99 17.23
C ASP B 98 -6.53 -0.27 17.37
N TYR B 99 -7.03 -0.49 18.58
CA TYR B 99 -7.89 -1.64 18.84
C TYR B 99 -9.12 -1.22 19.68
N GLY B 100 -10.27 -1.86 19.40
CA GLY B 100 -11.52 -1.68 20.16
C GLY B 100 -12.79 -1.69 19.32
N ARG B 101 -13.82 -0.93 19.74
CA ARG B 101 -15.00 -0.61 18.88
C ARG B 101 -14.68 0.55 17.99
N ASN B 102 -14.78 0.28 16.68
CA ASN B 102 -14.48 1.24 15.62
C ASN B 102 -15.22 0.97 14.34
N TYR B 103 -14.98 1.89 13.43
CA TYR B 103 -15.52 1.87 12.08
C TYR B 103 -14.80 0.80 11.30
N GLY B 104 -15.61 -0.15 10.80
CA GLY B 104 -15.16 -1.03 9.75
C GLY B 104 -14.46 -0.28 8.64
N VAL B 105 -13.45 -0.94 8.08
CA VAL B 105 -12.59 -0.42 7.02
C VAL B 105 -13.31 -0.09 5.68
N VAL B 106 -14.35 -0.89 5.35
CA VAL B 106 -15.11 -0.65 4.15
C VAL B 106 -15.89 0.67 4.26
N TYR B 107 -16.23 1.07 5.47
CA TYR B 107 -16.69 2.41 5.69
C TYR B 107 -15.66 3.49 5.25
N ASP B 108 -14.41 3.11 4.96
CA ASP B 108 -13.49 4.15 4.45
C ASP B 108 -14.02 4.44 3.08
N ALA B 109 -14.79 3.50 2.52
CA ALA B 109 -15.44 3.85 1.21
C ALA B 109 -16.80 4.51 1.42
N LEU B 110 -17.73 3.80 2.09
CA LEU B 110 -19.10 4.26 2.35
C LEU B 110 -19.18 5.65 2.99
N GLY B 111 -18.09 6.08 3.63
CA GLY B 111 -18.03 7.47 4.23
C GLY B 111 -18.29 8.61 3.23
N TYR B 112 -17.97 8.36 1.97
CA TYR B 112 -18.09 9.35 0.90
C TYR B 112 -19.50 9.93 0.77
N THR B 113 -20.50 9.03 0.81
CA THR B 113 -21.89 9.36 0.60
C THR B 113 -22.68 9.45 1.88
N ASP B 114 -22.04 9.04 3.00
CA ASP B 114 -22.69 9.15 4.32
C ASP B 114 -22.62 10.59 4.82
N MET B 115 -23.30 11.48 4.13
CA MET B 115 -23.22 12.91 4.38
C MET B 115 -24.59 13.59 4.49
N LEU B 116 -25.70 12.81 4.56
CA LEU B 116 -27.00 13.48 4.53
C LEU B 116 -27.30 14.27 5.82
N PRO B 117 -28.19 15.27 5.75
CA PRO B 117 -28.53 15.96 7.03
C PRO B 117 -29.12 15.01 8.08
N GLU B 118 -29.95 14.03 7.70
CA GLU B 118 -30.37 13.06 8.69
C GLU B 118 -30.32 11.57 8.31
N PHE B 119 -30.85 11.19 7.15
CA PHE B 119 -30.77 9.80 6.67
C PHE B 119 -29.46 9.46 5.88
N GLY B 120 -29.57 8.60 4.86
CA GLY B 120 -28.46 8.23 3.98
C GLY B 120 -27.59 7.27 4.72
N GLY B 121 -26.53 6.82 4.05
CA GLY B 121 -25.58 5.96 4.66
C GLY B 121 -26.19 4.60 4.95
N ASP B 122 -27.17 4.21 4.11
CA ASP B 122 -28.06 3.04 4.36
C ASP B 122 -27.34 1.73 4.39
N THR B 123 -26.19 1.64 3.71
CA THR B 123 -25.49 0.37 3.62
C THR B 123 -24.42 0.15 4.72
N ALA B 124 -24.08 1.24 5.45
CA ALA B 124 -23.16 1.19 6.59
C ALA B 124 -23.83 0.69 7.89
N TYR B 125 -24.38 -0.53 7.84
CA TYR B 125 -24.95 -1.17 9.01
C TYR B 125 -23.91 -1.28 10.15
N SER B 126 -24.38 -1.03 11.37
CA SER B 126 -23.76 -1.41 12.63
C SER B 126 -23.69 -2.90 12.86
N ASP B 127 -22.56 -3.31 13.44
CA ASP B 127 -22.19 -4.70 13.74
C ASP B 127 -22.51 -5.52 12.54
N ASP B 128 -21.90 -5.10 11.42
CA ASP B 128 -22.09 -5.78 10.14
C ASP B 128 -20.76 -6.01 9.44
N PHE B 129 -19.87 -6.78 10.08
CA PHE B 129 -18.60 -7.05 9.46
C PHE B 129 -17.85 -5.69 9.24
N PHE B 130 -17.73 -5.20 8.01
CA PHE B 130 -16.75 -4.15 7.74
C PHE B 130 -17.34 -2.83 7.37
N VAL B 131 -18.66 -2.77 7.35
CA VAL B 131 -19.37 -1.58 6.79
C VAL B 131 -19.76 -0.50 7.76
N GLY B 132 -19.82 -0.87 9.03
CA GLY B 132 -20.22 0.11 10.06
C GLY B 132 -19.34 -0.09 11.28
N ARG B 133 -19.78 0.55 12.38
CA ARG B 133 -19.17 0.40 13.69
C ARG B 133 -19.31 -1.05 14.12
N VAL B 134 -18.22 -1.56 14.67
CA VAL B 134 -18.12 -2.95 14.98
C VAL B 134 -17.16 -3.13 16.15
N GLY B 135 -17.43 -4.17 16.93
CA GLY B 135 -16.57 -4.55 18.03
C GLY B 135 -15.41 -5.47 17.66
N GLY B 136 -14.22 -5.15 18.19
CA GLY B 136 -13.14 -6.09 18.19
C GLY B 136 -12.21 -5.97 16.97
N VAL B 137 -11.92 -4.74 16.56
CA VAL B 137 -11.14 -4.56 15.38
C VAL B 137 -9.77 -3.95 15.68
N ALA B 138 -8.75 -4.56 15.06
CA ALA B 138 -7.42 -4.00 15.14
C ALA B 138 -7.18 -3.36 13.80
N THR B 139 -7.04 -2.06 13.82
CA THR B 139 -6.92 -1.32 12.60
C THR B 139 -5.59 -0.67 12.46
N TYR B 140 -4.91 -0.95 11.33
CA TYR B 140 -3.66 -0.25 10.98
C TYR B 140 -3.88 0.75 9.87
N ARG B 141 -3.29 1.98 9.98
CA ARG B 141 -3.49 3.03 8.99
C ARG B 141 -2.22 3.81 8.63
N ASN B 142 -2.12 4.10 7.32
CA ASN B 142 -0.97 4.68 6.71
C ASN B 142 -1.41 5.82 5.86
N SER B 143 -0.70 6.92 6.03
CA SER B 143 -0.95 8.18 5.32
C SER B 143 0.23 8.56 4.48
N ASN B 144 -0.05 8.92 3.22
CA ASN B 144 0.95 9.44 2.29
C ASN B 144 2.08 8.41 2.06
N PHE B 145 1.69 7.13 1.99
CA PHE B 145 2.62 6.00 1.81
C PHE B 145 3.97 6.19 2.52
N PHE B 146 3.91 6.18 3.85
CA PHE B 146 5.11 6.29 4.71
C PHE B 146 5.81 7.64 4.56
N GLY B 147 5.04 8.66 4.15
CA GLY B 147 5.55 10.05 3.98
C GLY B 147 6.11 10.25 2.57
N LEU B 148 5.98 9.24 1.72
CA LEU B 148 6.64 9.25 0.42
C LEU B 148 5.76 9.64 -0.76
N VAL B 149 4.44 9.47 -0.64
CA VAL B 149 3.55 9.80 -1.77
C VAL B 149 2.30 10.48 -1.23
N ASP B 150 2.35 11.81 -1.18
CA ASP B 150 1.20 12.70 -0.85
C ASP B 150 -0.12 12.24 -1.48
N GLY B 151 -1.12 11.96 -0.62
CA GLY B 151 -2.52 11.69 -1.00
C GLY B 151 -2.81 10.21 -1.09
N LEU B 152 -1.74 9.41 -1.12
CA LEU B 152 -1.88 7.96 -1.16
C LEU B 152 -1.93 7.36 0.25
N ASN B 153 -3.11 6.85 0.62
CA ASN B 153 -3.29 6.37 1.99
C ASN B 153 -3.79 4.93 1.89
N PHE B 154 -3.52 4.12 2.91
CA PHE B 154 -4.11 2.77 2.94
C PHE B 154 -4.31 2.31 4.37
N ALA B 155 -4.96 1.15 4.53
CA ALA B 155 -5.27 0.67 5.82
C ALA B 155 -5.64 -0.82 5.78
N VAL B 156 -5.30 -1.54 6.83
CA VAL B 156 -5.72 -2.94 6.95
C VAL B 156 -6.27 -2.99 8.37
N GLN B 157 -7.13 -3.96 8.59
CA GLN B 157 -7.96 -4.07 9.72
C GLN B 157 -8.32 -5.57 9.93
N TYR B 158 -8.19 -6.06 11.18
CA TYR B 158 -8.41 -7.45 11.52
C TYR B 158 -9.56 -7.47 12.48
N LEU B 159 -10.52 -8.37 12.22
CA LEU B 159 -11.75 -8.43 12.89
C LEU B 159 -11.81 -9.77 13.60
N GLY B 160 -11.97 -9.71 14.91
CA GLY B 160 -12.06 -10.91 15.70
C GLY B 160 -13.50 -11.40 15.82
N LYS B 161 -13.64 -12.70 15.97
CA LYS B 161 -14.94 -13.33 16.05
C LYS B 161 -15.74 -12.72 17.20
N ASN B 162 -17.00 -12.37 16.91
CA ASN B 162 -17.99 -11.99 17.96
C ASN B 162 -19.18 -12.93 17.98
N GLU B 163 -19.15 -13.88 18.89
CA GLU B 163 -20.20 -14.86 18.90
C GLU B 163 -21.24 -14.42 19.87
N ARG B 164 -22.18 -13.63 19.35
CA ARG B 164 -23.18 -12.92 20.14
C ARG B 164 -24.45 -13.74 20.23
N ASP B 165 -25.41 -13.29 21.03
CA ASP B 165 -26.68 -14.02 21.18
C ASP B 165 -27.57 -14.00 19.93
N THR B 166 -27.30 -13.09 18.99
CA THR B 166 -28.11 -12.99 17.78
C THR B 166 -27.26 -13.14 16.52
N ALA B 167 -27.81 -13.80 15.49
CA ALA B 167 -27.20 -13.83 14.16
C ALA B 167 -26.84 -12.43 13.68
N ARG B 168 -27.78 -11.52 13.80
CA ARG B 168 -27.69 -10.21 13.24
C ARG B 168 -26.40 -9.42 13.72
N ARG B 169 -26.03 -9.63 14.97
CA ARG B 169 -24.99 -8.87 15.67
C ARG B 169 -23.65 -9.64 15.80
N SER B 170 -23.58 -10.82 15.13
CA SER B 170 -22.41 -11.67 15.10
C SER B 170 -21.43 -11.53 13.86
N ASN B 171 -20.21 -12.06 14.02
CA ASN B 171 -19.30 -12.27 12.93
C ASN B 171 -18.32 -13.36 13.35
N GLY B 172 -17.68 -14.05 12.41
CA GLY B 172 -16.46 -14.82 12.69
C GLY B 172 -15.25 -13.93 12.39
N ASP B 173 -14.06 -14.52 12.40
CA ASP B 173 -12.83 -13.75 12.17
C ASP B 173 -12.79 -13.38 10.72
N GLY B 174 -12.13 -12.28 10.40
CA GLY B 174 -12.06 -11.77 9.04
C GLY B 174 -10.93 -10.76 8.91
N VAL B 175 -10.59 -10.43 7.67
CA VAL B 175 -9.61 -9.40 7.32
C VAL B 175 -10.25 -8.52 6.25
N GLY B 176 -9.82 -7.26 6.19
CA GLY B 176 -10.34 -6.33 5.20
C GLY B 176 -9.32 -5.19 5.12
N GLY B 177 -9.38 -4.38 4.08
CA GLY B 177 -8.42 -3.29 3.96
C GLY B 177 -9.01 -2.32 2.97
N SER B 178 -8.28 -1.21 2.76
CA SER B 178 -8.75 -0.12 1.96
C SER B 178 -7.55 0.70 1.40
N ILE B 179 -7.75 1.33 0.25
CA ILE B 179 -6.72 2.07 -0.44
C ILE B 179 -7.49 3.23 -1.03
N SER B 180 -6.86 4.41 -0.99
CA SER B 180 -7.41 5.65 -1.52
C SER B 180 -6.35 6.70 -1.94
N TYR B 181 -6.73 7.54 -2.89
CA TYR B 181 -5.85 8.55 -3.44
C TYR B 181 -6.63 9.88 -3.56
N GLU B 182 -5.96 10.98 -3.21
CA GLU B 182 -6.53 12.29 -3.24
C GLU B 182 -5.56 13.30 -3.86
N TYR B 183 -6.03 13.91 -4.93
CA TYR B 183 -5.32 14.95 -5.66
C TYR B 183 -6.26 16.19 -5.86
N GLU B 184 -5.96 17.33 -5.20
CA GLU B 184 -6.75 18.61 -5.25
C GLU B 184 -8.28 18.49 -5.56
N GLY B 185 -9.01 17.97 -4.57
CA GLY B 185 -10.44 17.92 -4.61
C GLY B 185 -10.98 16.58 -4.98
N PHE B 186 -10.27 15.84 -5.80
CA PHE B 186 -10.82 14.57 -6.18
C PHE B 186 -10.33 13.55 -5.17
N GLY B 187 -11.05 12.43 -5.07
CA GLY B 187 -10.81 11.46 -4.05
C GLY B 187 -11.24 10.18 -4.71
N ILE B 188 -10.38 9.17 -4.71
CA ILE B 188 -10.80 7.85 -5.18
C ILE B 188 -10.45 6.87 -4.07
N VAL B 189 -11.31 5.87 -3.85
CA VAL B 189 -11.11 4.92 -2.77
C VAL B 189 -11.63 3.55 -3.16
N GLY B 190 -10.94 2.50 -2.69
CA GLY B 190 -11.48 1.13 -2.77
C GLY B 190 -11.30 0.38 -1.44
N ALA B 191 -12.23 -0.56 -1.16
CA ALA B 191 -12.28 -1.20 0.11
C ALA B 191 -12.93 -2.58 0.01
N TYR B 192 -12.36 -3.54 0.71
CA TYR B 192 -12.77 -4.91 0.58
C TYR B 192 -12.40 -5.57 1.89
N GLY B 193 -13.35 -6.34 2.42
CA GLY B 193 -13.06 -7.26 3.46
C GLY B 193 -13.91 -8.53 3.34
N ALA B 194 -13.39 -9.64 3.87
CA ALA B 194 -14.14 -10.91 4.06
C ALA B 194 -13.88 -11.53 5.44
N ALA B 195 -14.84 -12.32 5.92
CA ALA B 195 -14.86 -12.93 7.23
C ALA B 195 -15.69 -14.23 7.25
N ASP B 196 -15.30 -15.13 8.14
CA ASP B 196 -16.14 -16.24 8.55
C ASP B 196 -17.47 -15.80 9.09
N ARG B 197 -18.53 -16.54 8.73
CA ARG B 197 -19.85 -16.42 9.30
C ARG B 197 -19.88 -17.40 10.45
N THR B 198 -20.85 -17.28 11.35
CA THR B 198 -20.87 -18.13 12.54
C THR B 198 -21.98 -19.15 12.34
N ASN B 199 -21.93 -20.27 13.05
CA ASN B 199 -22.93 -21.31 12.83
C ASN B 199 -24.32 -20.80 13.06
N LEU B 200 -24.46 -19.79 13.94
CA LEU B 200 -25.77 -19.20 14.22
C LEU B 200 -26.26 -18.35 13.04
N GLN B 201 -25.34 -17.70 12.33
CA GLN B 201 -25.71 -16.91 11.17
C GLN B 201 -26.15 -17.84 10.03
N GLU B 202 -25.49 -18.97 9.96
CA GLU B 202 -25.73 -19.93 8.91
C GLU B 202 -27.02 -20.72 9.10
N ALA B 203 -27.43 -20.89 10.36
CA ALA B 203 -28.63 -21.65 10.71
C ALA B 203 -29.87 -20.87 10.36
N GLN B 204 -29.67 -19.62 9.93
CA GLN B 204 -30.80 -18.76 9.57
C GLN B 204 -31.47 -19.23 8.25
N PRO B 205 -32.80 -19.08 8.15
CA PRO B 205 -33.50 -19.38 6.90
C PRO B 205 -33.01 -18.56 5.69
N LEU B 206 -32.63 -17.29 5.89
CA LEU B 206 -32.15 -16.41 4.80
C LEU B 206 -30.65 -16.18 4.82
N GLY B 207 -29.97 -16.49 3.73
CA GLY B 207 -28.51 -16.51 3.71
C GLY B 207 -27.96 -17.93 3.78
N ASN B 208 -27.13 -18.26 2.80
CA ASN B 208 -26.46 -19.56 2.73
C ASN B 208 -25.01 -19.42 2.26
N GLY B 209 -24.06 -19.78 3.13
CA GLY B 209 -22.62 -19.62 2.83
C GLY B 209 -21.71 -19.53 4.04
N LYS B 210 -20.42 -19.77 3.84
CA LYS B 210 -19.49 -19.81 4.95
C LYS B 210 -18.69 -18.48 5.11
N LYS B 211 -18.40 -17.81 4.00
CA LYS B 211 -17.68 -16.50 4.01
C LYS B 211 -18.64 -15.34 3.75
N ALA B 212 -18.45 -14.23 4.45
CA ALA B 212 -19.24 -13.00 4.17
C ALA B 212 -18.31 -12.03 3.50
N GLU B 213 -18.81 -11.31 2.50
CA GLU B 213 -17.94 -10.41 1.71
C GLU B 213 -18.55 -9.06 1.45
N GLN B 214 -17.74 -8.00 1.51
CA GLN B 214 -18.25 -6.67 1.18
C GLN B 214 -17.16 -5.84 0.58
N TRP B 215 -17.46 -5.21 -0.54
CA TRP B 215 -16.56 -4.26 -1.10
C TRP B 215 -17.42 -3.10 -1.56
N ALA B 216 -16.76 -1.95 -1.69
CA ALA B 216 -17.35 -0.76 -2.19
C ALA B 216 -16.21 0.04 -2.75
N THR B 217 -16.53 0.94 -3.69
CA THR B 217 -15.60 1.94 -4.21
C THR B 217 -16.28 3.29 -4.08
N GLY B 218 -15.51 4.36 -4.15
CA GLY B 218 -16.07 5.66 -3.93
C GLY B 218 -15.36 6.64 -4.81
N LEU B 219 -16.11 7.60 -5.35
CA LEU B 219 -15.55 8.64 -6.18
C LEU B 219 -16.07 9.97 -5.70
N LYS B 220 -15.22 11.00 -5.63
CA LYS B 220 -15.64 12.22 -5.00
C LYS B 220 -14.95 13.52 -5.42
N TYR B 221 -15.71 14.61 -5.40
CA TYR B 221 -15.17 15.96 -5.59
C TYR B 221 -15.55 16.80 -4.39
N ASP B 222 -14.58 17.52 -3.83
CA ASP B 222 -14.71 18.09 -2.50
C ASP B 222 -13.81 19.32 -2.36
N ALA B 223 -14.18 20.40 -3.03
CA ALA B 223 -13.49 21.70 -2.95
C ALA B 223 -14.43 22.77 -3.50
N ASN B 224 -14.05 24.04 -3.35
CA ASN B 224 -14.84 25.17 -3.86
C ASN B 224 -16.33 25.15 -3.51
N ASN B 225 -16.60 24.65 -2.30
CA ASN B 225 -17.94 24.59 -1.73
C ASN B 225 -18.85 23.51 -2.31
N ILE B 226 -18.33 22.70 -3.22
CA ILE B 226 -19.14 21.63 -3.81
C ILE B 226 -18.82 20.27 -3.15
N TYR B 227 -19.83 19.40 -3.05
CA TYR B 227 -19.60 18.03 -2.66
C TYR B 227 -20.36 17.11 -3.57
N LEU B 228 -19.64 16.38 -4.38
CA LEU B 228 -20.24 15.39 -5.22
C LEU B 228 -19.49 14.14 -4.83
N ALA B 229 -20.22 13.05 -4.72
CA ALA B 229 -19.61 11.79 -4.37
C ALA B 229 -20.52 10.71 -4.88
N ALA B 230 -19.96 9.56 -5.27
CA ALA B 230 -20.72 8.30 -5.52
C ALA B 230 -19.98 7.15 -4.89
N ASN B 231 -20.74 6.07 -4.63
CA ASN B 231 -20.27 4.83 -4.07
C ASN B 231 -20.96 3.66 -4.79
N TYR B 232 -20.23 2.59 -5.12
CA TYR B 232 -20.88 1.40 -5.71
C TYR B 232 -20.23 0.29 -4.93
N GLY B 233 -21.00 -0.73 -4.56
CA GLY B 233 -20.47 -1.81 -3.78
C GLY B 233 -21.34 -3.03 -3.93
N GLU B 234 -20.81 -4.18 -3.54
CA GLU B 234 -21.56 -5.43 -3.54
C GLU B 234 -21.28 -6.17 -2.25
N THR B 235 -22.10 -7.20 -1.98
CA THR B 235 -21.98 -7.98 -0.78
C THR B 235 -22.40 -9.42 -1.05
N ARG B 236 -21.70 -10.40 -0.47
CA ARG B 236 -22.25 -11.75 -0.40
C ARG B 236 -22.45 -12.11 1.07
N ASN B 237 -23.67 -12.52 1.41
CA ASN B 237 -23.96 -13.08 2.75
C ASN B 237 -23.70 -12.15 3.93
N ALA B 238 -23.65 -10.85 3.66
CA ALA B 238 -23.31 -9.88 4.67
C ALA B 238 -24.46 -8.90 5.07
N THR B 239 -25.29 -8.50 4.13
CA THR B 239 -26.37 -7.56 4.41
C THR B 239 -27.55 -8.16 5.16
N PRO B 240 -27.87 -7.60 6.35
CA PRO B 240 -28.90 -8.24 7.13
C PRO B 240 -30.26 -7.92 6.58
N ILE B 241 -31.11 -8.94 6.48
CA ILE B 241 -32.45 -8.68 5.95
C ILE B 241 -33.50 -9.38 6.79
N THR B 242 -34.69 -8.81 6.75
CA THR B 242 -35.81 -9.39 7.49
C THR B 242 -36.96 -9.41 6.49
N ASN B 243 -37.73 -10.50 6.51
CA ASN B 243 -38.97 -10.63 5.73
C ASN B 243 -40.21 -10.37 6.58
N LYS B 244 -40.71 -9.13 6.54
CA LYS B 244 -41.85 -8.72 7.36
C LYS B 244 -43.01 -9.75 7.42
N PHE B 245 -43.20 -10.55 6.36
CA PHE B 245 -44.39 -11.43 6.15
C PHE B 245 -44.39 -12.79 6.85
N THR B 246 -43.22 -13.38 7.09
CA THR B 246 -43.17 -14.65 7.88
C THR B 246 -42.44 -14.52 9.24
N ASN B 247 -41.98 -13.30 9.55
CA ASN B 247 -41.00 -13.01 10.63
C ASN B 247 -39.69 -13.83 10.52
N THR B 248 -39.27 -14.14 9.30
CA THR B 248 -37.97 -14.74 9.08
C THR B 248 -36.89 -13.67 8.87
N SER B 249 -35.65 -14.05 9.11
CA SER B 249 -34.57 -13.09 9.02
C SER B 249 -33.27 -13.79 8.70
N GLY B 250 -32.28 -13.02 8.32
CA GLY B 250 -30.93 -13.51 8.21
C GLY B 250 -30.18 -12.56 7.33
N PHE B 251 -29.64 -13.09 6.23
CA PHE B 251 -28.73 -12.32 5.42
C PHE B 251 -28.95 -12.49 3.93
N ALA B 252 -28.85 -11.39 3.20
CA ALA B 252 -28.98 -11.37 1.76
C ALA B 252 -27.80 -12.09 1.09
N ASN B 253 -28.08 -13.13 0.29
CA ASN B 253 -27.03 -13.85 -0.44
C ASN B 253 -26.11 -12.97 -1.30
N LYS B 254 -26.69 -11.96 -1.96
CA LYS B 254 -25.96 -10.90 -2.66
C LYS B 254 -26.76 -9.62 -2.54
N THR B 255 -26.07 -8.49 -2.66
CA THR B 255 -26.75 -7.23 -2.86
C THR B 255 -25.87 -6.40 -3.77
N GLN B 256 -26.45 -5.44 -4.48
CA GLN B 256 -25.67 -4.43 -5.21
C GLN B 256 -26.27 -3.11 -4.80
N ASP B 257 -25.42 -2.10 -4.66
CA ASP B 257 -25.72 -0.91 -3.87
C ASP B 257 -25.12 0.22 -4.60
N VAL B 258 -25.83 1.33 -4.72
CA VAL B 258 -25.24 2.53 -5.26
C VAL B 258 -25.84 3.64 -4.48
N LEU B 259 -25.06 4.72 -4.31
CA LEU B 259 -25.43 5.84 -3.52
C LEU B 259 -24.75 7.00 -4.19
N LEU B 260 -25.47 8.10 -4.37
CA LEU B 260 -24.92 9.25 -5.01
C LEU B 260 -25.37 10.44 -4.23
N VAL B 261 -24.60 11.52 -4.28
CA VAL B 261 -24.90 12.64 -3.45
C VAL B 261 -24.30 13.94 -4.00
N ALA B 262 -25.07 15.01 -3.96
CA ALA B 262 -24.61 16.30 -4.42
C ALA B 262 -25.05 17.33 -3.45
N GLN B 263 -24.13 18.21 -3.06
CA GLN B 263 -24.41 19.17 -2.03
C GLN B 263 -23.62 20.40 -2.38
N TYR B 264 -24.04 21.55 -1.88
CA TYR B 264 -23.27 22.80 -2.04
C TYR B 264 -23.30 23.52 -0.72
N GLN B 265 -22.23 24.24 -0.35
CA GLN B 265 -22.19 24.96 0.92
C GLN B 265 -22.11 26.44 0.70
N PHE B 266 -23.22 27.15 0.90
CA PHE B 266 -23.21 28.61 0.73
C PHE B 266 -22.47 29.18 1.91
N ASP B 267 -21.79 30.29 1.73
CA ASP B 267 -21.05 30.92 2.84
C ASP B 267 -21.95 31.44 3.99
N PHE B 268 -23.23 31.67 3.70
CA PHE B 268 -24.10 32.23 4.72
C PHE B 268 -24.65 31.14 5.67
N GLY B 269 -24.44 29.88 5.28
CA GLY B 269 -24.68 28.76 6.18
C GLY B 269 -25.56 27.69 5.61
N LEU B 270 -26.19 27.96 4.48
CA LEU B 270 -27.10 26.96 3.93
C LEU B 270 -26.33 25.93 3.12
N ARG B 271 -26.78 24.66 3.23
CA ARG B 271 -26.17 23.53 2.58
C ARG B 271 -27.26 22.54 2.14
N PRO B 272 -27.79 22.74 0.91
CA PRO B 272 -28.76 21.84 0.28
C PRO B 272 -28.15 20.52 -0.12
N SER B 273 -29.00 19.50 -0.22
CA SER B 273 -28.51 18.21 -0.51
C SER B 273 -29.46 17.47 -1.40
N ILE B 274 -28.92 16.93 -2.47
CA ILE B 274 -29.73 15.99 -3.18
C ILE B 274 -28.92 14.71 -3.22
N ALA B 275 -29.60 13.59 -3.05
CA ALA B 275 -28.94 12.31 -3.02
C ALA B 275 -29.82 11.33 -3.77
N TYR B 276 -29.23 10.18 -4.18
CA TYR B 276 -29.95 9.03 -4.69
C TYR B 276 -29.40 7.78 -4.02
N THR B 277 -30.27 6.79 -3.70
CA THR B 277 -29.82 5.54 -3.09
C THR B 277 -30.65 4.29 -3.47
N LYS B 278 -29.98 3.21 -3.87
CA LYS B 278 -30.69 1.98 -4.12
C LYS B 278 -29.78 0.84 -3.77
N SER B 279 -30.39 -0.17 -3.19
CA SER B 279 -29.72 -1.35 -2.77
C SER B 279 -30.64 -2.48 -3.12
N LYS B 280 -30.14 -3.42 -3.91
CA LYS B 280 -30.96 -4.53 -4.39
C LYS B 280 -30.30 -5.82 -3.90
N ALA B 281 -31.11 -6.70 -3.30
CA ALA B 281 -30.66 -8.03 -2.89
C ALA B 281 -30.91 -8.98 -4.04
N LYS B 282 -30.13 -10.07 -4.13
CA LYS B 282 -30.37 -11.14 -5.11
C LYS B 282 -30.31 -12.51 -4.45
N ASP B 283 -30.99 -13.46 -5.09
CA ASP B 283 -30.97 -14.87 -4.69
C ASP B 283 -31.44 -15.04 -3.25
N VAL B 284 -32.38 -14.20 -2.82
CA VAL B 284 -33.02 -14.29 -1.50
C VAL B 284 -33.90 -15.54 -1.47
N GLU B 285 -33.44 -16.60 -0.79
CA GLU B 285 -34.19 -17.87 -0.80
C GLU B 285 -35.67 -17.75 -0.45
N GLY B 286 -36.50 -17.93 -1.50
CA GLY B 286 -37.94 -17.86 -1.40
C GLY B 286 -38.47 -16.69 -2.21
N ILE B 287 -37.59 -15.90 -2.81
CA ILE B 287 -38.00 -14.64 -3.45
C ILE B 287 -37.23 -14.25 -4.71
N GLY B 288 -35.95 -14.58 -4.77
CA GLY B 288 -35.12 -14.12 -5.88
C GLY B 288 -34.74 -12.67 -5.67
N ASP B 289 -35.10 -11.81 -6.61
CA ASP B 289 -34.71 -10.38 -6.56
C ASP B 289 -35.77 -9.41 -5.96
N VAL B 290 -35.35 -8.63 -4.99
CA VAL B 290 -36.20 -7.71 -4.23
C VAL B 290 -35.37 -6.52 -3.73
N ASP B 291 -35.93 -5.31 -3.85
CA ASP B 291 -35.23 -4.11 -3.45
C ASP B 291 -35.27 -3.97 -1.93
N LEU B 292 -34.27 -3.26 -1.39
CA LEU B 292 -34.16 -3.05 0.05
C LEU B 292 -34.22 -1.57 0.39
N VAL B 293 -33.56 -0.77 -0.42
CA VAL B 293 -33.55 0.65 -0.26
C VAL B 293 -33.65 1.20 -1.65
N ASN B 294 -34.44 2.25 -1.84
CA ASN B 294 -34.64 2.86 -3.15
C ASN B 294 -35.37 4.15 -2.95
N TYR B 295 -34.65 5.26 -3.09
CA TYR B 295 -35.25 6.53 -2.81
C TYR B 295 -34.43 7.64 -3.36
N PHE B 296 -35.05 8.81 -3.46
CA PHE B 296 -34.33 10.03 -3.80
C PHE B 296 -34.43 10.84 -2.55
N GLU B 297 -33.59 11.84 -2.43
CA GLU B 297 -33.60 12.65 -1.26
C GLU B 297 -33.35 14.09 -1.67
N VAL B 298 -34.08 15.00 -1.02
CA VAL B 298 -33.79 16.44 -1.00
C VAL B 298 -33.88 16.86 0.46
N GLY B 299 -33.04 17.82 0.84
CA GLY B 299 -33.07 18.33 2.18
C GLY B 299 -32.08 19.46 2.28
N ALA B 300 -31.91 19.99 3.48
CA ALA B 300 -30.97 21.09 3.69
C ALA B 300 -30.61 21.21 5.18
N THR B 301 -29.43 21.78 5.40
CA THR B 301 -28.95 22.04 6.72
C THR B 301 -28.61 23.52 6.71
N TYR B 302 -29.06 24.22 7.74
CA TYR B 302 -28.63 25.58 7.94
C TYR B 302 -27.73 25.63 9.17
N TYR B 303 -26.52 26.13 8.96
CA TYR B 303 -25.55 26.21 10.00
C TYR B 303 -25.48 27.62 10.44
N PHE B 304 -25.89 27.88 11.67
CA PHE B 304 -25.78 29.19 12.30
C PHE B 304 -24.35 29.46 12.63
N ASN B 305 -23.70 28.46 13.25
CA ASN B 305 -22.23 28.46 13.47
C ASN B 305 -21.72 27.05 13.68
N LYS B 306 -20.50 26.97 14.18
CA LYS B 306 -19.90 25.68 14.49
C LYS B 306 -20.67 24.92 15.57
N ASN B 307 -21.51 25.62 16.34
CA ASN B 307 -22.20 25.07 17.52
C ASN B 307 -23.69 24.78 17.38
N MET B 308 -24.29 25.35 16.36
CA MET B 308 -25.73 25.35 16.20
C MET B 308 -26.07 25.30 14.76
N SER B 309 -27.00 24.42 14.48
CA SER B 309 -27.48 24.21 13.15
C SER B 309 -28.92 23.69 13.22
N THR B 310 -29.66 23.81 12.12
CA THR B 310 -30.92 23.11 11.98
C THR B 310 -31.03 22.53 10.59
N TYR B 311 -32.02 21.66 10.39
CA TYR B 311 -32.13 20.95 9.14
C TYR B 311 -33.48 20.19 8.83
N VAL B 312 -33.71 19.90 7.55
CA VAL B 312 -34.91 19.16 7.11
C VAL B 312 -34.44 18.05 6.22
N ASP B 313 -35.03 16.87 6.31
CA ASP B 313 -34.56 15.85 5.40
C ASP B 313 -35.75 15.08 4.84
N TYR B 314 -35.88 15.05 3.51
CA TYR B 314 -37.05 14.50 2.86
C TYR B 314 -36.68 13.33 1.95
N ILE B 315 -37.28 12.18 2.25
CA ILE B 315 -36.97 10.91 1.61
C ILE B 315 -38.15 10.51 0.76
N ILE B 316 -37.94 10.52 -0.55
CA ILE B 316 -39.00 10.21 -1.48
C ILE B 316 -38.85 8.73 -1.76
N ASN B 317 -39.62 7.94 -1.06
CA ASN B 317 -39.39 6.54 -1.10
C ASN B 317 -39.88 5.97 -2.45
N GLN B 318 -39.03 5.21 -3.14
CA GLN B 318 -39.40 4.58 -4.42
C GLN B 318 -39.72 3.10 -4.23
N ILE B 319 -39.62 2.59 -3.02
CA ILE B 319 -39.92 1.17 -2.79
C ILE B 319 -41.42 0.98 -3.04
N ASP B 320 -41.77 0.01 -3.86
CA ASP B 320 -43.19 -0.25 -4.12
C ASP B 320 -43.93 -0.91 -2.93
N SER B 321 -45.26 -0.90 -2.98
CA SER B 321 -46.09 -1.38 -1.89
C SER B 321 -46.28 -2.89 -1.92
N ASP B 322 -45.87 -3.51 -3.01
CA ASP B 322 -45.99 -4.97 -3.13
C ASP B 322 -44.68 -5.68 -2.81
N ASN B 323 -43.63 -4.87 -2.54
CA ASN B 323 -42.26 -5.32 -2.20
C ASN B 323 -42.29 -6.65 -1.45
N LYS B 324 -41.59 -7.65 -1.98
CA LYS B 324 -41.76 -9.02 -1.46
C LYS B 324 -41.36 -9.20 0.01
N LEU B 325 -40.53 -8.29 0.53
CA LEU B 325 -40.01 -8.36 1.91
C LEU B 325 -40.75 -7.49 2.95
N GLY B 326 -41.54 -6.53 2.46
CA GLY B 326 -42.34 -5.72 3.35
C GLY B 326 -41.58 -4.48 3.76
N VAL B 327 -40.56 -4.15 2.98
CA VAL B 327 -39.79 -2.93 3.16
C VAL B 327 -40.78 -1.81 2.97
N GLY B 328 -40.73 -0.82 3.88
CA GLY B 328 -41.68 0.31 3.85
C GLY B 328 -41.60 1.14 2.58
N SER B 329 -42.77 1.57 2.10
CA SER B 329 -42.86 2.33 0.84
C SER B 329 -43.15 3.82 0.99
N ASP B 330 -43.52 4.27 2.18
CA ASP B 330 -44.00 5.66 2.35
C ASP B 330 -42.83 6.59 2.48
N ASP B 331 -43.08 7.86 2.19
CA ASP B 331 -42.07 8.87 2.36
C ASP B 331 -41.78 9.17 3.86
N THR B 332 -40.69 9.88 4.15
CA THR B 332 -40.44 10.35 5.52
C THR B 332 -39.75 11.68 5.50
N VAL B 333 -40.19 12.59 6.34
CA VAL B 333 -39.50 13.85 6.51
C VAL B 333 -39.04 13.97 7.96
N ALA B 334 -37.82 14.48 8.15
CA ALA B 334 -37.22 14.62 9.47
C ALA B 334 -36.97 16.08 9.66
N VAL B 335 -37.19 16.61 10.86
CA VAL B 335 -36.84 17.98 11.16
C VAL B 335 -36.06 17.85 12.46
N GLY B 336 -34.99 18.63 12.58
CA GLY B 336 -34.02 18.54 13.64
C GLY B 336 -33.43 19.90 13.99
N ILE B 337 -33.17 20.12 15.29
CA ILE B 337 -32.41 21.22 15.74
C ILE B 337 -31.26 20.66 16.62
N VAL B 338 -30.05 21.27 16.51
CA VAL B 338 -28.83 20.71 17.07
C VAL B 338 -27.95 21.70 17.83
N TYR B 339 -27.70 21.40 19.10
CA TYR B 339 -26.64 22.13 19.76
C TYR B 339 -25.53 21.09 19.98
N GLN B 340 -24.30 21.43 19.57
CA GLN B 340 -23.13 20.59 19.78
C GLN B 340 -21.92 21.45 20.21
N PHE B 341 -20.98 20.83 20.93
CA PHE B 341 -19.79 21.45 21.48
C PHE B 341 -18.68 20.45 21.32
#